data_6CWT
#
_entry.id   6CWT
#
_cell.length_a   238.376
_cell.length_b   66.523
_cell.length_c   104.232
_cell.angle_alpha   90.00
_cell.angle_beta   110.30
_cell.angle_gamma   90.00
#
_symmetry.space_group_name_H-M   'C 1 2 1'
#
loop_
_entity.id
_entity.type
_entity.pdbx_description
1 polymer 'Fab e21 heavy chain'
2 polymer 'Fab e21 light chain'
3 polymer 'Capsid protein'
#
loop_
_entity_poly.entity_id
_entity_poly.type
_entity_poly.pdbx_seq_one_letter_code
_entity_poly.pdbx_strand_id
1 'polypeptide(L)'
;QSVKESEGRLVTPGTPLTLTCTGSGFSLSTYAMIWVRQAPGQGVEYIGIINTGGSASYASWAKGRFTISRTSTTVDLKIT
SPTTEDTATYFCARTRGVNDAYEHAFDPWGPGTLVTVSSASTKGPSVFPLAPSAKSTSGGTAALGCLVKDYFPEPVTVSW
NSGALTSGVHTFPAVLQSSGLYSLSSVVTVPSSSLGTQTYICNVNHKPSNTKVDKKVEPKSCDKTRGHHHHHH
;
A,C
2 'polypeptide(L)'
;AELVMTQTPSSTSAAVGGTVTINCQASQSIGNALAWYQQKPGQPPKLLISAGSNLASGVPSRFRGSGSGTEYTLTISDVQ
REDAATYYCLGTYSAIDRAFGAGTNVEIERTVAAPSVFIFPPSDEQLKSGTASVVCLLNNFYPREAKVQWKVDNALQSGN
SQESVTEQDSKDSTYSLSSTLTLSKADYEKHKVYACEVTHQGLSSPVTKSFNRGEC
;
B,D
3 'polypeptide(L)'
;MDIDPYKEFGATVELLSFLPSDFFPSVRDLLDTAAALYRDALESPEHASPHHTALRQAILCWGDLMTLATWVGTNLEDPA
SRDLVVSYVNTNVGLKFRQLLWFHISALTFGRETVLEYLVSFGVWIRTPPAYRPPNAPILSTLPETTVV
;
E,F
#
# COMPACT_ATOMS: atom_id res chain seq x y z
N GLU A 7 -41.92 11.76 4.93
CA GLU A 7 -41.24 10.46 4.76
C GLU A 7 -42.25 9.36 4.43
N GLY A 8 -43.53 9.72 4.50
CA GLY A 8 -44.57 8.74 4.22
C GLY A 8 -45.84 9.40 3.71
N ARG A 9 -46.62 8.62 2.96
CA ARG A 9 -47.89 9.07 2.41
C ARG A 9 -48.87 7.92 2.42
N LEU A 10 -50.10 8.20 2.83
CA LEU A 10 -51.17 7.21 2.91
C LEU A 10 -52.29 7.60 1.96
N VAL A 11 -52.78 6.62 1.19
CA VAL A 11 -53.81 6.85 0.19
C VAL A 11 -54.75 5.65 0.16
N THR A 12 -56.06 5.93 0.12
CA THR A 12 -57.04 4.87 0.02
C THR A 12 -57.04 4.27 -1.39
N PRO A 13 -57.30 2.97 -1.52
CA PRO A 13 -57.22 2.32 -2.83
C PRO A 13 -58.10 3.01 -3.87
N GLY A 14 -57.51 3.26 -5.05
CA GLY A 14 -58.21 3.89 -6.15
C GLY A 14 -57.94 5.36 -6.30
N THR A 15 -57.45 6.03 -5.25
CA THR A 15 -57.24 7.47 -5.29
C THR A 15 -55.87 7.77 -5.90
N PRO A 16 -55.81 8.47 -7.03
CA PRO A 16 -54.50 8.80 -7.61
C PRO A 16 -53.72 9.76 -6.74
N LEU A 17 -52.39 9.62 -6.78
CA LEU A 17 -51.52 10.48 -5.99
C LEU A 17 -50.37 10.96 -6.87
N THR A 18 -49.69 12.00 -6.40
CA THR A 18 -48.55 12.57 -7.13
C THR A 18 -47.42 12.82 -6.15
N LEU A 19 -46.27 12.17 -6.39
CA LEU A 19 -45.04 12.43 -5.66
C LEU A 19 -44.22 13.45 -6.44
N THR A 20 -43.86 14.55 -5.79
CA THR A 20 -43.04 15.59 -6.38
C THR A 20 -41.58 15.37 -5.97
N CYS A 21 -40.67 15.53 -6.93
CA CYS A 21 -39.26 15.29 -6.71
C CYS A 21 -38.45 16.54 -7.06
N THR A 22 -37.67 16.99 -6.08
CA THR A 22 -36.55 17.91 -6.19
C THR A 22 -35.24 17.23 -5.82
N GLY A 23 -35.17 16.60 -4.65
CA GLY A 23 -33.94 16.01 -4.12
C GLY A 23 -32.98 17.05 -3.61
N SER A 24 -31.75 17.04 -4.12
CA SER A 24 -30.78 18.06 -3.76
C SER A 24 -31.02 19.37 -4.51
N GLY A 25 -32.08 19.42 -5.31
CA GLY A 25 -32.25 20.46 -6.30
C GLY A 25 -32.18 21.89 -5.84
N PHE A 26 -31.22 22.62 -6.41
CA PHE A 26 -31.24 24.07 -6.48
C PHE A 26 -30.87 24.40 -7.92
N SER A 27 -31.83 24.95 -8.66
CA SER A 27 -31.64 25.31 -10.06
C SER A 27 -31.16 24.13 -10.90
N LEU A 28 -31.69 22.93 -10.63
CA LEU A 28 -31.43 21.78 -11.49
C LEU A 28 -32.59 21.67 -12.47
N SER A 29 -32.38 22.12 -13.70
CA SER A 29 -33.48 22.11 -14.67
C SER A 29 -33.47 20.94 -15.64
N THR A 30 -32.31 20.36 -15.97
CA THR A 30 -32.26 19.19 -16.86
C THR A 30 -31.29 18.17 -16.29
N TYR A 31 -31.80 17.12 -15.64
CA TYR A 31 -31.01 15.92 -15.43
C TYR A 31 -31.53 14.66 -16.11
N ALA A 32 -32.69 14.71 -16.76
CA ALA A 32 -33.37 13.51 -17.27
C ALA A 32 -33.51 12.46 -16.16
N MET A 33 -34.37 12.77 -15.21
CA MET A 33 -34.50 12.03 -13.96
C MET A 33 -35.29 10.74 -14.15
N ILE A 34 -35.06 9.78 -13.25
CA ILE A 34 -35.68 8.47 -13.28
C ILE A 34 -36.38 8.21 -11.95
N TRP A 35 -37.27 7.23 -11.96
CA TRP A 35 -38.00 6.81 -10.76
C TRP A 35 -37.85 5.31 -10.55
N VAL A 36 -37.85 4.90 -9.28
CA VAL A 36 -37.70 3.50 -8.89
C VAL A 36 -38.58 3.24 -7.67
N ARG A 37 -39.15 2.04 -7.58
CA ARG A 37 -39.92 1.64 -6.41
C ARG A 37 -39.32 0.38 -5.79
N GLN A 38 -39.47 0.25 -4.47
CA GLN A 38 -38.95 -0.89 -3.72
C GLN A 38 -40.00 -1.35 -2.72
N ALA A 39 -40.44 -2.59 -2.85
CA ALA A 39 -41.38 -3.16 -1.89
C ALA A 39 -40.67 -3.45 -0.58
N PRO A 40 -41.41 -3.48 0.54
CA PRO A 40 -40.76 -3.75 1.83
C PRO A 40 -40.10 -5.13 1.85
N GLY A 41 -38.83 -5.16 2.26
CA GLY A 41 -38.07 -6.39 2.31
C GLY A 41 -37.68 -6.97 0.98
N GLN A 42 -38.03 -6.33 -0.13
CA GLN A 42 -37.72 -6.82 -1.46
C GLN A 42 -36.79 -5.83 -2.17
N GLY A 43 -36.45 -6.16 -3.42
CA GLY A 43 -35.47 -5.40 -4.16
C GLY A 43 -36.05 -4.22 -4.91
N VAL A 44 -35.16 -3.49 -5.57
CA VAL A 44 -35.53 -2.29 -6.31
C VAL A 44 -36.09 -2.70 -7.67
N GLU A 45 -37.04 -1.89 -8.18
CA GLU A 45 -37.66 -2.13 -9.47
C GLU A 45 -37.66 -0.83 -10.27
N TYR A 46 -37.19 -0.91 -11.51
CA TYR A 46 -37.12 0.26 -12.38
C TYR A 46 -38.51 0.64 -12.89
N ILE A 47 -38.80 1.94 -12.85
CA ILE A 47 -40.11 2.43 -13.30
C ILE A 47 -39.97 3.10 -14.66
N GLY A 48 -39.23 4.21 -14.71
CA GLY A 48 -39.08 4.90 -15.97
C GLY A 48 -38.23 6.15 -15.86
N ILE A 49 -38.02 6.77 -17.02
CA ILE A 49 -37.23 7.98 -17.19
C ILE A 49 -38.11 9.04 -17.82
N ILE A 50 -37.70 10.31 -17.67
CA ILE A 50 -38.25 11.41 -18.44
C ILE A 50 -37.07 12.21 -18.99
N ASN A 51 -37.01 12.37 -20.31
CA ASN A 51 -35.88 13.04 -20.94
C ASN A 51 -35.93 14.53 -20.65
N THR A 52 -34.92 15.26 -21.14
CA THR A 52 -34.89 16.70 -20.95
C THR A 52 -35.97 17.41 -21.75
N GLY A 53 -36.51 16.77 -22.77
CA GLY A 53 -37.62 17.29 -23.54
C GLY A 53 -38.98 16.86 -23.06
N GLY A 54 -39.07 16.31 -21.84
CA GLY A 54 -40.34 15.86 -21.31
C GLY A 54 -40.80 14.51 -21.81
N SER A 55 -39.98 13.80 -22.57
CA SER A 55 -40.36 12.50 -23.11
C SER A 55 -40.18 11.43 -22.03
N ALA A 56 -41.27 10.76 -21.69
CA ALA A 56 -41.28 9.78 -20.59
C ALA A 56 -41.28 8.38 -21.17
N SER A 57 -40.23 7.61 -20.85
CA SER A 57 -40.13 6.21 -21.22
C SER A 57 -40.39 5.34 -20.00
N TYR A 58 -41.16 4.27 -20.20
CA TYR A 58 -41.59 3.41 -19.10
C TYR A 58 -41.07 1.99 -19.29
N ALA A 59 -41.00 1.27 -18.18
CA ALA A 59 -40.84 -0.18 -18.22
C ALA A 59 -42.17 -0.83 -18.59
N SER A 60 -42.09 -2.06 -19.12
CA SER A 60 -43.28 -2.71 -19.64
C SER A 60 -44.32 -2.97 -18.56
N TRP A 61 -43.88 -3.41 -17.38
CA TRP A 61 -44.83 -3.73 -16.31
C TRP A 61 -45.50 -2.46 -15.78
N ALA A 62 -44.76 -1.36 -15.70
CA ALA A 62 -45.26 -0.11 -15.16
C ALA A 62 -45.99 0.74 -16.20
N LYS A 63 -46.11 0.26 -17.43
CA LYS A 63 -46.78 1.02 -18.48
C LYS A 63 -48.27 1.08 -18.21
N GLY A 64 -48.82 2.29 -18.13
CA GLY A 64 -50.22 2.50 -17.86
C GLY A 64 -50.57 2.61 -16.39
N ARG A 65 -49.74 2.06 -15.49
CA ARG A 65 -49.97 2.21 -14.06
C ARG A 65 -49.45 3.54 -13.54
N PHE A 66 -48.34 4.03 -14.09
CA PHE A 66 -47.71 5.27 -13.64
C PHE A 66 -47.63 6.27 -14.79
N THR A 67 -47.52 7.54 -14.43
CA THR A 67 -47.28 8.59 -15.41
C THR A 67 -46.22 9.55 -14.86
N ILE A 68 -45.16 9.78 -15.61
CA ILE A 68 -44.05 10.61 -15.17
C ILE A 68 -44.17 11.97 -15.86
N SER A 69 -44.47 13.00 -15.09
CA SER A 69 -44.51 14.37 -15.58
C SER A 69 -43.27 15.13 -15.10
N ARG A 70 -43.14 16.37 -15.56
CA ARG A 70 -42.08 17.25 -15.09
C ARG A 70 -42.47 18.69 -15.37
N THR A 71 -41.82 19.59 -14.64
CA THR A 71 -41.92 21.03 -14.84
C THR A 71 -40.51 21.58 -14.92
N SER A 72 -40.39 22.91 -15.03
CA SER A 72 -39.08 23.52 -14.99
C SER A 72 -38.40 23.31 -13.64
N THR A 73 -39.16 23.47 -12.55
CA THR A 73 -38.61 23.41 -11.20
C THR A 73 -38.81 22.06 -10.50
N THR A 74 -39.51 21.11 -11.12
CA THR A 74 -39.91 19.90 -10.40
C THR A 74 -40.02 18.74 -11.39
N VAL A 75 -39.91 17.52 -10.86
CA VAL A 75 -40.24 16.33 -11.66
C VAL A 75 -41.23 15.49 -10.88
N ASP A 76 -42.38 15.20 -11.48
CA ASP A 76 -43.51 14.58 -10.79
C ASP A 76 -43.73 13.15 -11.26
N LEU A 77 -44.29 12.33 -10.38
CA LEU A 77 -44.72 10.97 -10.71
C LEU A 77 -46.11 10.76 -10.14
N LYS A 78 -47.08 10.48 -11.01
CA LYS A 78 -48.46 10.25 -10.62
C LYS A 78 -48.77 8.76 -10.71
N ILE A 79 -49.29 8.21 -9.60
CA ILE A 79 -49.83 6.86 -9.57
C ILE A 79 -51.35 6.96 -9.73
N THR A 80 -51.89 6.27 -10.73
CA THR A 80 -53.30 6.32 -11.06
C THR A 80 -53.96 5.00 -10.67
N SER A 81 -55.08 5.10 -9.96
CA SER A 81 -55.78 3.95 -9.40
C SER A 81 -54.82 3.01 -8.67
N PRO A 82 -54.15 3.47 -7.62
CA PRO A 82 -53.19 2.62 -6.92
C PRO A 82 -53.89 1.47 -6.22
N THR A 83 -53.36 0.27 -6.40
CA THR A 83 -53.89 -0.92 -5.74
C THR A 83 -53.08 -1.20 -4.48
N THR A 84 -53.48 -2.25 -3.76
CA THR A 84 -52.71 -2.69 -2.60
C THR A 84 -51.32 -3.17 -2.98
N GLU A 85 -51.14 -3.64 -4.22
CA GLU A 85 -49.83 -4.08 -4.69
C GLU A 85 -48.83 -2.93 -4.86
N ASP A 86 -49.29 -1.68 -4.87
CA ASP A 86 -48.43 -0.54 -5.13
C ASP A 86 -47.80 0.05 -3.88
N THR A 87 -48.09 -0.48 -2.69
CA THR A 87 -47.49 0.06 -1.47
C THR A 87 -46.01 -0.29 -1.44
N ALA A 88 -45.17 0.72 -1.33
CA ALA A 88 -43.72 0.56 -1.46
C ALA A 88 -43.07 1.92 -1.27
N THR A 89 -41.75 1.92 -1.17
CA THR A 89 -40.97 3.14 -1.08
C THR A 89 -40.53 3.59 -2.47
N TYR A 90 -40.68 4.87 -2.74
CA TYR A 90 -40.40 5.42 -4.07
C TYR A 90 -39.21 6.37 -4.01
N PHE A 91 -38.20 6.08 -4.82
CA PHE A 91 -37.01 6.89 -4.97
C PHE A 91 -37.02 7.57 -6.34
N CYS A 92 -36.41 8.75 -6.41
CA CYS A 92 -36.19 9.45 -7.66
C CYS A 92 -34.72 9.81 -7.75
N ALA A 93 -34.09 9.51 -8.89
CA ALA A 93 -32.65 9.65 -9.04
C ALA A 93 -32.33 10.40 -10.33
N ARG A 94 -31.42 11.36 -10.24
CA ARG A 94 -31.04 12.21 -11.36
C ARG A 94 -29.66 11.83 -11.87
N THR A 95 -29.45 12.03 -13.17
CA THR A 95 -28.16 11.77 -13.77
C THR A 95 -27.11 12.74 -13.21
N ARG A 96 -25.84 12.37 -13.37
CA ARG A 96 -24.72 13.18 -12.90
C ARG A 96 -24.06 13.85 -14.11
N GLY A 97 -24.18 15.17 -14.19
CA GLY A 97 -23.58 15.92 -15.27
C GLY A 97 -24.51 16.14 -16.45
N VAL A 98 -23.90 16.34 -17.62
CA VAL A 98 -24.64 16.60 -18.86
C VAL A 98 -25.61 15.46 -19.16
N ASN A 99 -25.10 14.30 -19.57
CA ASN A 99 -25.89 13.06 -19.58
C ASN A 99 -27.17 13.22 -20.40
N ASP A 100 -28.31 13.28 -19.71
CA ASP A 100 -29.62 13.42 -20.33
C ASP A 100 -30.05 12.19 -21.14
N ALA A 101 -30.44 11.15 -20.42
CA ALA A 101 -31.23 10.00 -20.85
C ALA A 101 -30.40 8.94 -21.57
N TYR A 102 -29.17 9.23 -21.96
CA TYR A 102 -28.26 8.21 -22.46
C TYR A 102 -27.39 7.62 -21.36
N GLU A 103 -27.62 8.03 -20.12
CA GLU A 103 -26.75 7.67 -18.99
C GLU A 103 -27.19 6.36 -18.35
N HIS A 104 -26.20 5.54 -17.99
CA HIS A 104 -26.44 4.24 -17.40
C HIS A 104 -26.42 4.22 -15.87
N ALA A 105 -25.98 5.29 -15.21
CA ALA A 105 -25.84 5.26 -13.76
C ALA A 105 -26.05 6.64 -13.17
N PHE A 106 -26.71 6.69 -12.03
CA PHE A 106 -27.02 7.96 -11.35
C PHE A 106 -26.60 7.85 -9.89
N ASP A 107 -25.56 8.61 -9.51
CA ASP A 107 -25.13 8.65 -8.12
C ASP A 107 -26.10 9.44 -7.21
N PRO A 108 -26.61 10.61 -7.61
CA PRO A 108 -27.49 11.34 -6.68
C PRO A 108 -28.84 10.64 -6.54
N TRP A 109 -29.31 10.54 -5.30
CA TRP A 109 -30.54 9.84 -5.00
C TRP A 109 -31.33 10.62 -3.96
N GLY A 110 -32.65 10.66 -4.14
CA GLY A 110 -33.53 11.24 -3.16
C GLY A 110 -33.66 10.33 -1.96
N PRO A 111 -34.17 10.86 -0.85
CA PRO A 111 -34.32 10.03 0.36
C PRO A 111 -35.38 8.95 0.21
N GLY A 112 -36.36 9.13 -0.66
CA GLY A 112 -37.43 8.17 -0.84
C GLY A 112 -38.64 8.49 0.01
N THR A 113 -39.81 8.16 -0.51
CA THR A 113 -41.08 8.41 0.17
C THR A 113 -41.87 7.11 0.20
N LEU A 114 -42.22 6.67 1.41
CA LEU A 114 -42.96 5.42 1.58
C LEU A 114 -44.44 5.67 1.37
N VAL A 115 -45.03 4.95 0.42
CA VAL A 115 -46.45 5.09 0.07
C VAL A 115 -47.17 3.81 0.47
N THR A 116 -48.24 3.97 1.25
CA THR A 116 -49.08 2.87 1.70
C THR A 116 -50.48 3.05 1.13
N VAL A 117 -50.96 2.03 0.43
CA VAL A 117 -52.32 2.03 -0.12
C VAL A 117 -53.16 1.11 0.74
N SER A 118 -54.08 1.70 1.51
CA SER A 118 -54.89 0.91 2.43
C SER A 118 -56.18 1.66 2.73
N SER A 119 -57.18 0.89 3.18
CA SER A 119 -58.45 1.44 3.63
C SER A 119 -58.45 1.82 5.10
N ALA A 120 -57.37 1.51 5.82
CA ALA A 120 -57.29 1.81 7.24
C ALA A 120 -57.10 3.30 7.48
N SER A 121 -57.38 3.72 8.70
CA SER A 121 -57.29 5.11 9.12
C SER A 121 -56.01 5.34 9.90
N THR A 122 -55.45 6.54 9.74
CA THR A 122 -54.22 6.90 10.45
C THR A 122 -54.45 6.93 11.96
N LYS A 123 -53.60 6.23 12.69
CA LYS A 123 -53.66 6.19 14.15
C LYS A 123 -52.29 6.51 14.71
N GLY A 124 -52.27 7.37 15.73
CA GLY A 124 -51.04 7.76 16.39
C GLY A 124 -50.54 6.71 17.34
N PRO A 125 -49.23 6.68 17.57
CA PRO A 125 -48.65 5.67 18.44
C PRO A 125 -48.86 5.98 19.93
N SER A 126 -48.76 4.92 20.73
CA SER A 126 -48.75 5.02 22.18
C SER A 126 -47.42 4.46 22.66
N VAL A 127 -46.62 5.29 23.32
CA VAL A 127 -45.27 4.93 23.74
C VAL A 127 -45.28 4.62 25.22
N PHE A 128 -44.62 3.54 25.61
CA PHE A 128 -44.55 3.08 26.99
C PHE A 128 -43.11 2.80 27.35
N PRO A 129 -42.72 3.02 28.61
CA PRO A 129 -41.33 2.81 29.01
C PRO A 129 -40.97 1.33 29.08
N LEU A 130 -39.76 1.01 28.62
CA LEU A 130 -39.14 -0.27 28.89
C LEU A 130 -38.09 -0.05 29.97
N ALA A 131 -38.35 -0.57 31.17
CA ALA A 131 -37.43 -0.32 32.27
C ALA A 131 -36.85 -1.63 32.79
N PRO A 132 -35.57 -1.66 33.13
CA PRO A 132 -34.96 -2.87 33.68
C PRO A 132 -35.39 -3.09 35.13
N SER A 133 -35.19 -4.30 35.61
CA SER A 133 -35.54 -4.58 36.99
C SER A 133 -34.45 -4.08 37.92
N ALA A 134 -34.73 -4.15 39.23
CA ALA A 134 -33.80 -3.63 40.22
C ALA A 134 -32.50 -4.42 40.20
N LYS A 135 -32.59 -5.73 40.37
CA LYS A 135 -31.42 -6.58 40.32
C LYS A 135 -30.93 -6.82 38.91
N SER A 136 -31.73 -6.49 37.90
CA SER A 136 -31.37 -6.78 36.51
C SER A 136 -30.02 -6.18 36.14
N THR A 137 -29.71 -4.99 36.66
CA THR A 137 -28.41 -4.38 36.40
C THR A 137 -27.30 -5.34 36.79
N SER A 138 -27.37 -5.85 38.02
CA SER A 138 -26.39 -6.81 38.51
C SER A 138 -24.99 -6.24 38.29
N GLY A 139 -24.20 -6.91 37.45
CA GLY A 139 -22.94 -6.39 36.96
C GLY A 139 -23.16 -5.30 35.94
N GLY A 140 -22.67 -4.08 36.22
CA GLY A 140 -22.45 -3.09 35.17
C GLY A 140 -23.61 -2.76 34.24
N THR A 141 -23.44 -3.22 32.99
CA THR A 141 -24.37 -2.99 31.89
C THR A 141 -25.84 -3.13 32.31
N ALA A 142 -26.62 -2.12 31.97
CA ALA A 142 -28.07 -2.07 32.05
C ALA A 142 -28.64 -1.89 30.65
N ALA A 143 -29.96 -1.98 30.57
CA ALA A 143 -30.67 -1.79 29.30
C ALA A 143 -32.04 -1.18 29.54
N LEU A 144 -32.40 -0.21 28.71
CA LEU A 144 -33.68 0.47 28.83
C LEU A 144 -34.23 0.66 27.43
N GLY A 145 -35.49 1.07 27.33
CA GLY A 145 -36.03 1.27 26.00
C GLY A 145 -37.36 1.97 25.98
N CYS A 146 -37.94 2.05 24.79
CA CYS A 146 -39.23 2.64 24.54
C CYS A 146 -40.01 1.72 23.62
N LEU A 147 -41.26 1.44 23.96
CA LEU A 147 -42.14 0.59 23.18
C LEU A 147 -43.18 1.48 22.50
N VAL A 148 -43.12 1.52 21.17
CA VAL A 148 -44.03 2.33 20.36
C VAL A 148 -45.07 1.37 19.78
N LYS A 149 -46.32 1.51 20.23
CA LYS A 149 -47.34 0.50 19.96
C LYS A 149 -48.58 1.14 19.33
N ASP A 150 -49.21 0.39 18.43
CA ASP A 150 -50.52 0.71 17.86
C ASP A 150 -50.50 2.04 17.11
N TYR A 151 -49.85 2.02 15.96
CA TYR A 151 -49.90 3.10 14.97
C TYR A 151 -50.02 2.46 13.59
N PHE A 152 -50.98 2.91 12.77
CA PHE A 152 -51.11 2.30 11.46
C PHE A 152 -50.03 2.70 10.46
N PRO A 153 -49.84 3.99 10.12
CA PRO A 153 -48.97 4.30 8.98
C PRO A 153 -47.51 4.01 9.31
N GLU A 154 -46.82 3.44 8.32
CA GLU A 154 -45.61 2.67 8.61
C GLU A 154 -44.47 3.49 9.16
N PRO A 155 -44.02 4.59 8.54
CA PRO A 155 -42.76 5.21 8.97
C PRO A 155 -42.85 5.81 10.37
N VAL A 156 -41.85 5.49 11.19
CA VAL A 156 -41.68 6.10 12.52
C VAL A 156 -40.19 6.32 12.73
N THR A 157 -39.85 7.43 13.37
CA THR A 157 -38.46 7.79 13.63
C THR A 157 -38.25 7.88 15.14
N VAL A 158 -37.45 6.97 15.68
CA VAL A 158 -37.11 6.95 17.09
C VAL A 158 -35.67 7.41 17.26
N SER A 159 -35.45 8.36 18.16
CA SER A 159 -34.11 8.80 18.53
C SER A 159 -34.01 8.87 20.05
N TRP A 160 -32.79 9.06 20.54
CA TRP A 160 -32.55 9.08 21.98
C TRP A 160 -31.76 10.32 22.36
N ASN A 161 -32.27 11.05 23.36
CA ASN A 161 -31.63 12.26 23.87
C ASN A 161 -31.32 13.24 22.74
N SER A 162 -32.28 13.39 21.81
CA SER A 162 -32.15 14.30 20.68
C SER A 162 -30.92 13.99 19.84
N GLY A 163 -30.56 12.71 19.74
CA GLY A 163 -29.44 12.28 18.94
C GLY A 163 -28.10 12.29 19.64
N ALA A 164 -28.02 12.83 20.87
CA ALA A 164 -26.75 12.89 21.58
C ALA A 164 -26.22 11.51 21.93
N LEU A 165 -27.08 10.50 22.04
CA LEU A 165 -26.67 9.14 22.32
C LEU A 165 -26.98 8.28 21.09
N THR A 166 -25.94 7.95 20.33
CA THR A 166 -26.02 6.94 19.29
C THR A 166 -25.37 5.61 19.65
N SER A 167 -24.73 5.51 20.82
CA SER A 167 -23.82 4.41 21.12
C SER A 167 -24.47 3.02 21.06
N GLY A 168 -25.32 2.72 22.03
CA GLY A 168 -25.85 1.37 22.14
C GLY A 168 -27.29 1.23 21.69
N VAL A 169 -27.77 2.19 20.92
CA VAL A 169 -29.18 2.21 20.52
C VAL A 169 -29.42 1.17 19.42
N HIS A 170 -30.48 0.39 19.59
CA HIS A 170 -30.99 -0.53 18.58
C HIS A 170 -32.47 -0.24 18.42
N THR A 171 -32.88 0.24 17.25
CA THR A 171 -34.29 0.48 16.93
C THR A 171 -34.74 -0.64 16.00
N PHE A 172 -35.59 -1.51 16.51
CA PHE A 172 -35.97 -2.73 15.81
C PHE A 172 -37.02 -2.42 14.73
N PRO A 173 -37.05 -3.23 13.67
CA PRO A 173 -38.09 -3.05 12.65
C PRO A 173 -39.48 -3.26 13.24
N ALA A 174 -40.43 -2.50 12.72
CA ALA A 174 -41.80 -2.59 13.20
C ALA A 174 -42.43 -3.91 12.77
N VAL A 175 -43.11 -4.56 13.71
CA VAL A 175 -43.82 -5.81 13.46
C VAL A 175 -45.31 -5.51 13.39
N LEU A 176 -46.00 -6.15 12.45
CA LEU A 176 -47.41 -5.88 12.20
C LEU A 176 -48.26 -6.81 13.07
N GLN A 177 -49.01 -6.20 13.99
CA GLN A 177 -49.92 -6.97 14.83
C GLN A 177 -51.16 -7.38 14.05
N SER A 178 -51.84 -8.41 14.55
CA SER A 178 -53.03 -8.92 13.89
C SER A 178 -54.16 -7.87 13.86
N SER A 179 -54.05 -6.82 14.67
CA SER A 179 -55.03 -5.74 14.66
C SER A 179 -54.89 -4.83 13.46
N GLY A 180 -53.83 -4.98 12.66
CA GLY A 180 -53.54 -4.06 11.58
C GLY A 180 -52.68 -2.88 11.98
N LEU A 181 -52.30 -2.77 13.25
CA LEU A 181 -51.44 -1.70 13.72
C LEU A 181 -49.98 -2.17 13.72
N TYR A 182 -49.07 -1.26 14.08
CA TYR A 182 -47.65 -1.55 14.11
C TYR A 182 -47.07 -1.28 15.49
N SER A 183 -46.05 -2.06 15.86
CA SER A 183 -45.35 -1.89 17.11
C SER A 183 -43.87 -2.16 16.91
N LEU A 184 -43.03 -1.30 17.48
CA LEU A 184 -41.59 -1.49 17.44
C LEU A 184 -41.00 -1.07 18.77
N SER A 185 -39.82 -1.61 19.06
CA SER A 185 -39.09 -1.32 20.29
C SER A 185 -37.78 -0.62 19.96
N SER A 186 -37.31 0.21 20.88
CA SER A 186 -36.02 0.87 20.75
C SER A 186 -35.29 0.76 22.08
N VAL A 187 -34.14 0.09 22.08
CA VAL A 187 -33.43 -0.19 23.32
C VAL A 187 -32.06 0.48 23.28
N VAL A 188 -31.53 0.71 24.48
CA VAL A 188 -30.19 1.24 24.68
C VAL A 188 -29.54 0.45 25.82
N THR A 189 -28.29 0.03 25.60
CA THR A 189 -27.50 -0.64 26.62
C THR A 189 -26.51 0.37 27.19
N VAL A 190 -26.67 0.69 28.47
CA VAL A 190 -25.93 1.78 29.12
C VAL A 190 -25.26 1.23 30.37
N PRO A 191 -24.08 1.71 30.76
CA PRO A 191 -23.53 1.35 32.07
C PRO A 191 -24.51 1.70 33.18
N SER A 192 -24.69 0.76 34.13
CA SER A 192 -25.67 0.98 35.19
C SER A 192 -25.21 2.04 36.16
N SER A 193 -23.90 2.24 36.30
CA SER A 193 -23.40 3.29 37.19
C SER A 193 -23.92 4.66 36.78
N SER A 194 -24.29 4.83 35.53
CA SER A 194 -24.85 6.08 35.00
C SER A 194 -26.36 6.18 35.14
N LEU A 195 -27.02 5.16 35.71
CA LEU A 195 -28.48 5.16 35.80
C LEU A 195 -28.99 6.24 36.75
N GLY A 196 -28.19 6.66 37.72
CA GLY A 196 -28.62 7.64 38.68
C GLY A 196 -28.38 9.09 38.29
N THR A 197 -27.81 9.35 37.12
CA THR A 197 -27.49 10.71 36.71
C THR A 197 -28.10 11.05 35.36
N GLN A 198 -27.65 10.36 34.31
CA GLN A 198 -28.07 10.68 32.95
C GLN A 198 -29.56 10.42 32.75
N THR A 199 -30.16 11.17 31.83
CA THR A 199 -31.60 11.19 31.66
C THR A 199 -32.10 10.01 30.82
N TYR A 200 -31.64 9.92 29.57
CA TYR A 200 -32.11 8.95 28.58
C TYR A 200 -33.60 9.14 28.28
N ILE A 201 -33.87 10.24 27.59
CA ILE A 201 -35.19 10.46 27.00
C ILE A 201 -35.16 9.96 25.56
N CYS A 202 -36.19 9.23 25.16
CA CYS A 202 -36.38 8.83 23.77
C CYS A 202 -37.44 9.73 23.16
N ASN A 203 -37.13 10.28 21.98
CA ASN A 203 -38.11 11.06 21.24
C ASN A 203 -38.60 10.24 20.06
N VAL A 204 -39.89 9.95 20.05
CA VAL A 204 -40.55 9.20 18.98
C VAL A 204 -41.31 10.21 18.12
N ASN A 205 -41.06 10.18 16.82
CA ASN A 205 -41.77 11.03 15.88
C ASN A 205 -42.52 10.16 14.89
N HIS A 206 -43.85 10.30 14.88
CA HIS A 206 -44.70 9.65 13.89
C HIS A 206 -45.23 10.77 12.99
N LYS A 207 -44.68 10.84 11.77
CA LYS A 207 -44.97 11.98 10.90
C LYS A 207 -46.41 11.99 10.37
N PRO A 208 -46.96 10.87 9.85
CA PRO A 208 -48.30 10.97 9.21
C PRO A 208 -49.38 11.55 10.10
N SER A 209 -49.40 11.18 11.38
CA SER A 209 -50.37 11.75 12.32
C SER A 209 -49.85 12.99 13.03
N ASN A 210 -48.64 13.45 12.69
CA ASN A 210 -47.96 14.60 13.29
C ASN A 210 -47.58 14.34 14.74
N THR A 211 -47.94 13.20 15.30
CA THR A 211 -47.64 12.90 16.70
C THR A 211 -46.15 12.69 16.91
N LYS A 212 -45.58 13.42 17.87
CA LYS A 212 -44.29 13.06 18.44
C LYS A 212 -44.35 13.25 19.95
N VAL A 213 -43.56 12.44 20.65
CA VAL A 213 -43.55 12.40 22.11
C VAL A 213 -42.12 12.20 22.59
N ASP A 214 -41.89 12.54 23.85
CA ASP A 214 -40.62 12.29 24.52
C ASP A 214 -40.90 11.51 25.80
N LYS A 215 -40.34 10.31 25.88
CA LYS A 215 -40.54 9.40 27.01
C LYS A 215 -39.22 9.25 27.75
N LYS A 216 -39.19 9.65 29.01
CA LYS A 216 -38.02 9.46 29.85
C LYS A 216 -38.06 8.05 30.45
N VAL A 217 -37.05 7.24 30.15
CA VAL A 217 -36.94 5.90 30.70
C VAL A 217 -36.15 5.99 32.00
N GLU A 218 -36.73 5.46 33.08
CA GLU A 218 -36.10 5.47 34.40
C GLU A 218 -36.47 4.19 35.12
N PRO A 219 -35.58 3.68 35.98
CA PRO A 219 -35.88 2.44 36.71
C PRO A 219 -36.90 2.65 37.81
N LYS A 220 -37.24 1.58 38.52
CA LYS A 220 -38.22 1.64 39.61
C LYS A 220 -37.96 0.55 40.64
N GLU B 2 -37.23 -7.87 -24.14
CA GLU B 2 -37.10 -7.08 -22.92
C GLU B 2 -35.85 -7.48 -22.13
N LEU B 3 -35.12 -6.48 -21.64
CA LEU B 3 -33.89 -6.71 -20.92
C LEU B 3 -34.18 -7.22 -19.51
N VAL B 4 -33.48 -8.27 -19.10
CA VAL B 4 -33.59 -8.81 -17.75
C VAL B 4 -32.20 -9.20 -17.27
N MET B 5 -31.83 -8.74 -16.08
CA MET B 5 -30.53 -9.04 -15.49
C MET B 5 -30.70 -10.13 -14.43
N THR B 6 -30.16 -11.30 -14.71
CA THR B 6 -30.13 -12.38 -13.73
C THR B 6 -28.93 -12.19 -12.82
N GLN B 7 -29.19 -12.03 -11.52
CA GLN B 7 -28.14 -11.82 -10.54
C GLN B 7 -28.00 -13.05 -9.66
N THR B 8 -26.76 -13.36 -9.33
CA THR B 8 -26.34 -14.53 -8.58
C THR B 8 -26.38 -14.26 -7.07
N PRO B 9 -25.51 -14.92 -6.27
CA PRO B 9 -25.70 -15.83 -5.13
C PRO B 9 -26.84 -15.53 -4.16
N SER B 10 -27.49 -14.36 -4.26
CA SER B 10 -28.45 -13.92 -3.24
C SER B 10 -27.65 -13.66 -1.97
N SER B 11 -27.94 -14.36 -0.88
CA SER B 11 -27.11 -14.19 0.31
C SER B 11 -25.73 -14.81 0.09
N THR B 12 -24.70 -14.09 0.53
CA THR B 12 -23.34 -14.59 0.52
C THR B 12 -22.63 -14.11 1.78
N SER B 13 -21.60 -14.85 2.17
CA SER B 13 -20.88 -14.60 3.40
C SER B 13 -19.40 -14.40 3.13
N ALA B 14 -18.79 -13.51 3.91
CA ALA B 14 -17.36 -13.25 3.83
C ALA B 14 -16.87 -12.79 5.19
N ALA B 15 -15.58 -12.94 5.43
CA ALA B 15 -14.95 -12.61 6.70
C ALA B 15 -14.08 -11.37 6.54
N VAL B 16 -13.88 -10.66 7.65
CA VAL B 16 -13.12 -9.41 7.61
C VAL B 16 -11.75 -9.69 7.02
N GLY B 17 -11.40 -8.97 5.96
CA GLY B 17 -10.21 -9.23 5.20
C GLY B 17 -10.39 -10.22 4.06
N GLY B 18 -11.42 -11.05 4.11
CA GLY B 18 -11.69 -12.00 3.05
C GLY B 18 -12.26 -11.31 1.82
N THR B 19 -12.62 -12.13 0.83
CA THR B 19 -13.10 -11.64 -0.45
C THR B 19 -14.50 -12.18 -0.72
N VAL B 20 -15.26 -11.41 -1.50
CA VAL B 20 -16.59 -11.84 -1.95
C VAL B 20 -16.79 -11.35 -3.38
N THR B 21 -17.33 -12.23 -4.22
CA THR B 21 -17.53 -11.94 -5.64
C THR B 21 -19.00 -12.11 -6.00
N ILE B 22 -19.60 -11.07 -6.54
CA ILE B 22 -20.95 -11.10 -7.09
C ILE B 22 -20.82 -10.99 -8.61
N ASN B 23 -21.63 -11.74 -9.34
CA ASN B 23 -21.63 -11.62 -10.79
C ASN B 23 -23.04 -11.39 -11.32
N CYS B 24 -23.13 -10.54 -12.33
CA CYS B 24 -24.38 -10.10 -12.94
C CYS B 24 -24.36 -10.54 -14.39
N GLN B 25 -25.40 -11.27 -14.80
CA GLN B 25 -25.51 -11.80 -16.16
C GLN B 25 -26.67 -11.14 -16.88
N ALA B 26 -26.39 -10.56 -18.04
CA ALA B 26 -27.39 -9.83 -18.81
C ALA B 26 -27.96 -10.72 -19.91
N SER B 27 -29.26 -10.59 -20.15
CA SER B 27 -29.91 -11.30 -21.25
C SER B 27 -29.59 -10.70 -22.61
N GLN B 28 -29.03 -9.49 -22.63
CA GLN B 28 -28.65 -8.82 -23.87
C GLN B 28 -27.41 -7.99 -23.59
N SER B 29 -26.52 -7.90 -24.57
CA SER B 29 -25.24 -7.24 -24.34
C SER B 29 -25.45 -5.73 -24.28
N ILE B 30 -25.11 -5.14 -23.14
CA ILE B 30 -25.31 -3.71 -22.91
C ILE B 30 -24.04 -2.90 -23.14
N GLY B 31 -22.92 -3.54 -23.45
CA GLY B 31 -21.68 -2.84 -23.73
C GLY B 31 -21.14 -2.02 -22.57
N ASN B 32 -20.95 -2.67 -21.42
CA ASN B 32 -20.44 -2.04 -20.21
C ASN B 32 -21.33 -0.90 -19.72
N ALA B 33 -22.61 -0.91 -20.09
CA ALA B 33 -23.60 -0.02 -19.49
C ALA B 33 -23.96 -0.42 -18.07
N LEU B 34 -23.41 -1.54 -17.59
CA LEU B 34 -23.72 -2.03 -16.26
C LEU B 34 -23.19 -1.05 -15.20
N ALA B 35 -23.87 -1.02 -14.06
CA ALA B 35 -23.47 -0.18 -12.93
C ALA B 35 -23.78 -0.92 -11.65
N TRP B 36 -22.94 -0.71 -10.63
CA TRP B 36 -23.08 -1.40 -9.35
C TRP B 36 -23.45 -0.39 -8.26
N TYR B 37 -24.47 -0.75 -7.47
CA TYR B 37 -25.02 0.06 -6.40
C TYR B 37 -24.98 -0.69 -5.08
N GLN B 38 -24.70 0.03 -4.00
CA GLN B 38 -24.74 -0.49 -2.65
C GLN B 38 -25.88 0.16 -1.89
N GLN B 39 -26.64 -0.66 -1.15
CA GLN B 39 -27.76 -0.17 -0.36
C GLN B 39 -27.76 -0.82 1.01
N LYS B 40 -28.06 -0.01 2.03
CA LYS B 40 -28.20 -0.40 3.42
C LYS B 40 -29.62 -0.07 3.89
N PRO B 41 -30.12 -0.76 4.92
CA PRO B 41 -31.53 -0.56 5.32
C PRO B 41 -31.79 0.88 5.76
N GLY B 42 -32.95 1.40 5.34
CA GLY B 42 -33.33 2.75 5.66
C GLY B 42 -32.58 3.82 4.90
N GLN B 43 -31.87 3.45 3.84
CA GLN B 43 -31.04 4.37 3.08
C GLN B 43 -31.27 4.17 1.59
N PRO B 44 -31.19 5.23 0.79
CA PRO B 44 -31.21 5.07 -0.65
C PRO B 44 -29.90 4.45 -1.14
N PRO B 45 -29.91 3.81 -2.31
CA PRO B 45 -28.70 3.13 -2.78
C PRO B 45 -27.54 4.11 -3.01
N LYS B 46 -26.35 3.68 -2.60
CA LYS B 46 -25.12 4.42 -2.84
C LYS B 46 -24.43 3.82 -4.06
N LEU B 47 -24.16 4.66 -5.06
CA LEU B 47 -23.58 4.17 -6.30
C LEU B 47 -22.15 3.68 -6.04
N LEU B 48 -21.88 2.45 -6.45
CA LEU B 48 -20.52 1.89 -6.34
C LEU B 48 -19.72 2.22 -7.59
N ILE B 49 -20.06 1.57 -8.72
CA ILE B 49 -19.24 1.72 -9.93
C ILE B 49 -20.13 2.11 -11.10
N SER B 50 -19.58 2.94 -11.97
CA SER B 50 -20.15 3.28 -13.27
C SER B 50 -19.38 2.55 -14.36
N ALA B 51 -20.10 2.20 -15.43
CA ALA B 51 -19.55 1.36 -16.49
C ALA B 51 -18.96 0.08 -15.90
N GLY B 52 -17.82 -0.37 -16.42
CA GLY B 52 -17.11 -1.49 -15.83
C GLY B 52 -16.28 -1.16 -14.61
N SER B 53 -15.47 -0.11 -14.72
CA SER B 53 -14.46 0.17 -13.71
C SER B 53 -14.51 1.48 -12.92
N ASN B 54 -15.37 2.43 -13.23
CA ASN B 54 -15.18 3.74 -12.61
C ASN B 54 -15.88 3.73 -11.28
N LEU B 55 -15.13 3.46 -10.21
CA LEU B 55 -15.64 3.56 -8.87
C LEU B 55 -15.47 5.03 -8.51
N ALA B 56 -16.58 5.75 -8.41
CA ALA B 56 -16.52 7.20 -8.49
C ALA B 56 -16.50 7.80 -7.11
N SER B 57 -16.29 9.11 -7.09
CA SER B 57 -16.55 9.97 -5.93
C SER B 57 -16.16 9.29 -4.62
N GLY B 58 -14.87 9.02 -4.46
CA GLY B 58 -14.36 8.53 -3.20
C GLY B 58 -15.03 7.27 -2.66
N VAL B 59 -15.06 6.22 -3.45
CA VAL B 59 -15.52 4.91 -3.01
C VAL B 59 -14.29 4.04 -2.74
N PRO B 60 -14.23 3.34 -1.62
CA PRO B 60 -13.05 2.52 -1.30
C PRO B 60 -12.62 1.67 -2.49
N SER B 61 -11.33 1.68 -2.77
CA SER B 61 -10.78 1.03 -3.96
C SER B 61 -10.92 -0.49 -3.93
N ARG B 62 -11.33 -1.06 -2.80
CA ARG B 62 -11.54 -2.50 -2.70
C ARG B 62 -12.77 -2.98 -3.49
N PHE B 63 -13.65 -2.07 -3.91
CA PHE B 63 -14.72 -2.41 -4.83
C PHE B 63 -14.19 -2.33 -6.24
N ARG B 64 -14.16 -3.46 -6.94
CA ARG B 64 -13.61 -3.53 -8.29
C ARG B 64 -14.63 -4.20 -9.21
N GLY B 65 -15.14 -3.44 -10.17
CA GLY B 65 -15.99 -4.01 -11.19
C GLY B 65 -15.20 -4.45 -12.41
N SER B 66 -15.76 -5.40 -13.14
CA SER B 66 -15.14 -5.93 -14.34
C SER B 66 -16.22 -6.62 -15.17
N GLY B 67 -15.79 -7.16 -16.31
CA GLY B 67 -16.70 -7.85 -17.20
C GLY B 67 -16.99 -7.03 -18.45
N SER B 68 -17.38 -7.74 -19.50
CA SER B 68 -17.71 -7.15 -20.78
C SER B 68 -18.85 -7.92 -21.40
N GLY B 69 -19.42 -7.37 -22.46
CA GLY B 69 -20.51 -8.03 -23.15
C GLY B 69 -21.73 -8.24 -22.27
N THR B 70 -22.12 -9.49 -22.10
CA THR B 70 -23.23 -9.84 -21.22
C THR B 70 -22.80 -10.26 -19.82
N GLU B 71 -21.50 -10.32 -19.53
CA GLU B 71 -21.01 -10.87 -18.28
C GLU B 71 -20.30 -9.80 -17.48
N TYR B 72 -20.72 -9.61 -16.22
CA TYR B 72 -20.08 -8.61 -15.38
C TYR B 72 -19.91 -9.15 -13.97
N THR B 73 -18.97 -8.56 -13.24
CA THR B 73 -18.67 -8.98 -11.87
C THR B 73 -18.31 -7.77 -11.02
N LEU B 74 -18.82 -7.74 -9.80
CA LEU B 74 -18.36 -6.83 -8.76
C LEU B 74 -17.65 -7.65 -7.69
N THR B 75 -16.37 -7.34 -7.47
CA THR B 75 -15.55 -8.03 -6.50
C THR B 75 -15.24 -7.09 -5.35
N ILE B 76 -15.53 -7.52 -4.13
CA ILE B 76 -15.07 -6.84 -2.92
C ILE B 76 -13.88 -7.62 -2.41
N SER B 77 -12.70 -7.01 -2.54
CA SER B 77 -11.44 -7.67 -2.23
C SER B 77 -11.17 -7.66 -0.73
N ASP B 78 -11.03 -6.48 -0.14
CA ASP B 78 -10.90 -6.34 1.31
C ASP B 78 -12.29 -6.14 1.88
N VAL B 79 -12.78 -7.14 2.61
CA VAL B 79 -14.11 -7.10 3.20
C VAL B 79 -14.01 -6.48 4.58
N GLN B 80 -14.81 -5.45 4.81
CA GLN B 80 -14.85 -4.75 6.09
C GLN B 80 -16.22 -4.91 6.71
N ARG B 81 -16.27 -4.75 8.04
CA ARG B 81 -17.52 -4.88 8.77
C ARG B 81 -18.55 -3.84 8.32
N GLU B 82 -18.11 -2.73 7.75
CA GLU B 82 -18.99 -1.72 7.22
C GLU B 82 -19.59 -2.09 5.87
N ASP B 83 -19.15 -3.20 5.27
CA ASP B 83 -19.60 -3.59 3.94
C ASP B 83 -20.81 -4.52 3.95
N ALA B 84 -21.29 -4.94 5.12
CA ALA B 84 -22.49 -5.76 5.16
C ALA B 84 -23.67 -4.95 4.65
N ALA B 85 -24.32 -5.46 3.60
CA ALA B 85 -25.31 -4.67 2.86
C ALA B 85 -25.85 -5.46 1.67
N THR B 86 -26.80 -4.87 0.94
CA THR B 86 -27.34 -5.49 -0.26
C THR B 86 -26.87 -4.73 -1.48
N TYR B 87 -26.34 -5.44 -2.48
CA TYR B 87 -25.79 -4.84 -3.68
C TYR B 87 -26.66 -5.19 -4.88
N TYR B 88 -26.86 -4.21 -5.77
CA TYR B 88 -27.70 -4.37 -6.95
C TYR B 88 -26.94 -3.95 -8.20
N CYS B 89 -27.17 -4.67 -9.30
CA CYS B 89 -26.67 -4.31 -10.62
C CYS B 89 -27.85 -4.00 -11.52
N LEU B 90 -27.71 -2.98 -12.37
CA LEU B 90 -28.75 -2.74 -13.35
C LEU B 90 -28.30 -3.10 -14.76
N GLY B 91 -27.51 -2.26 -15.38
CA GLY B 91 -27.30 -2.30 -16.82
C GLY B 91 -28.42 -1.55 -17.50
N THR B 92 -28.15 -0.90 -18.63
CA THR B 92 -29.19 -0.25 -19.43
C THR B 92 -28.97 -0.63 -20.88
N TYR B 93 -29.90 -1.40 -21.45
CA TYR B 93 -29.85 -1.68 -22.88
C TYR B 93 -29.94 -0.40 -23.68
N SER B 94 -31.10 0.23 -23.63
CA SER B 94 -31.40 1.44 -24.38
C SER B 94 -31.77 2.57 -23.42
N ALA B 95 -32.10 3.73 -23.99
CA ALA B 95 -32.73 4.79 -23.22
C ALA B 95 -34.15 4.42 -22.79
N ILE B 96 -34.67 3.31 -23.27
CA ILE B 96 -36.04 2.87 -22.98
C ILE B 96 -36.01 1.76 -21.95
N ASP B 97 -35.42 0.63 -22.31
CA ASP B 97 -35.49 -0.58 -21.50
C ASP B 97 -34.36 -0.62 -20.47
N ARG B 98 -34.71 -0.82 -19.21
CA ARG B 98 -33.77 -0.98 -18.12
C ARG B 98 -34.32 -2.01 -17.14
N ALA B 99 -33.43 -2.68 -16.42
CA ALA B 99 -33.86 -3.69 -15.46
C ALA B 99 -32.86 -3.78 -14.32
N PHE B 100 -33.36 -4.15 -13.15
CA PHE B 100 -32.57 -4.35 -11.95
C PHE B 100 -32.40 -5.84 -11.67
N GLY B 101 -31.24 -6.19 -11.08
CA GLY B 101 -31.04 -7.53 -10.59
C GLY B 101 -31.81 -7.80 -9.31
N ALA B 102 -31.83 -9.07 -8.91
CA ALA B 102 -32.55 -9.46 -7.71
C ALA B 102 -31.86 -9.00 -6.43
N GLY B 103 -30.58 -8.66 -6.51
CA GLY B 103 -29.85 -8.20 -5.34
C GLY B 103 -29.08 -9.30 -4.67
N THR B 104 -27.98 -8.92 -4.01
CA THR B 104 -27.10 -9.85 -3.31
C THR B 104 -26.91 -9.37 -1.88
N ASN B 105 -27.24 -10.22 -0.92
CA ASN B 105 -27.17 -9.87 0.50
C ASN B 105 -25.83 -10.35 1.04
N VAL B 106 -24.98 -9.40 1.43
CA VAL B 106 -23.62 -9.68 1.86
C VAL B 106 -23.54 -9.49 3.37
N GLU B 107 -23.21 -10.58 4.06
CA GLU B 107 -23.08 -10.63 5.51
C GLU B 107 -21.62 -10.84 5.88
N ILE B 108 -21.18 -10.19 6.97
CA ILE B 108 -19.81 -10.29 7.43
C ILE B 108 -19.70 -11.47 8.38
N GLU B 109 -18.77 -12.38 8.09
CA GLU B 109 -18.49 -13.48 9.01
C GLU B 109 -17.76 -12.95 10.23
N ARG B 110 -17.99 -13.61 11.36
CA ARG B 110 -17.58 -13.05 12.65
C ARG B 110 -17.32 -14.17 13.64
N THR B 111 -16.64 -13.82 14.73
CA THR B 111 -16.50 -14.74 15.86
C THR B 111 -17.85 -14.93 16.53
N VAL B 112 -18.13 -16.17 16.92
CA VAL B 112 -19.40 -16.48 17.58
C VAL B 112 -19.48 -15.73 18.89
N ALA B 113 -20.58 -14.97 19.08
CA ALA B 113 -20.76 -14.13 20.25
C ALA B 113 -22.10 -14.44 20.88
N ALA B 114 -22.08 -14.77 22.17
CA ALA B 114 -23.32 -15.03 22.89
C ALA B 114 -24.07 -13.72 23.15
N PRO B 115 -25.40 -13.77 23.21
CA PRO B 115 -26.18 -12.55 23.41
C PRO B 115 -26.14 -12.09 24.86
N SER B 116 -26.80 -10.96 25.11
CA SER B 116 -27.08 -10.50 26.46
C SER B 116 -28.57 -10.20 26.54
N VAL B 117 -29.28 -10.92 27.41
CA VAL B 117 -30.74 -10.93 27.39
C VAL B 117 -31.28 -10.10 28.54
N PHE B 118 -32.43 -9.46 28.29
CA PHE B 118 -33.11 -8.63 29.26
C PHE B 118 -34.60 -8.92 29.20
N ILE B 119 -35.29 -8.63 30.30
CA ILE B 119 -36.61 -9.18 30.58
C ILE B 119 -37.71 -8.15 30.30
N PHE B 120 -37.65 -6.97 30.95
CA PHE B 120 -38.56 -5.86 30.68
C PHE B 120 -40.03 -6.16 30.95
N PRO B 121 -40.45 -6.23 32.21
CA PRO B 121 -41.88 -6.37 32.53
C PRO B 121 -42.70 -5.21 31.96
N PRO B 122 -44.01 -5.38 31.80
CA PRO B 122 -44.81 -4.35 31.14
C PRO B 122 -44.92 -3.08 31.97
N SER B 123 -45.32 -2.02 31.29
CA SER B 123 -45.36 -0.68 31.88
C SER B 123 -46.57 -0.53 32.79
N ASP B 124 -46.42 0.33 33.81
CA ASP B 124 -47.56 0.68 34.66
C ASP B 124 -48.58 1.51 33.89
N GLU B 125 -48.12 2.31 32.91
CA GLU B 125 -49.04 3.14 32.13
C GLU B 125 -49.81 2.32 31.11
N GLN B 126 -49.25 1.21 30.65
CA GLN B 126 -49.95 0.40 29.65
C GLN B 126 -51.05 -0.46 30.27
N LEU B 127 -50.87 -0.86 31.53
CA LEU B 127 -51.91 -1.64 32.22
C LEU B 127 -53.20 -0.84 32.37
N LYS B 128 -53.13 0.49 32.31
CA LYS B 128 -54.33 1.30 32.33
C LYS B 128 -55.07 1.23 31.00
N SER B 129 -54.37 0.95 29.91
CA SER B 129 -54.95 0.91 28.57
C SER B 129 -55.63 -0.42 28.25
N GLY B 130 -55.54 -1.41 29.13
CA GLY B 130 -56.24 -2.66 28.99
C GLY B 130 -55.42 -3.82 28.50
N THR B 131 -54.30 -3.57 27.82
CA THR B 131 -53.42 -4.65 27.39
C THR B 131 -52.15 -4.67 28.25
N ALA B 132 -51.31 -5.66 28.00
CA ALA B 132 -50.01 -5.76 28.64
C ALA B 132 -49.05 -6.43 27.68
N SER B 133 -47.82 -5.93 27.62
CA SER B 133 -46.82 -6.44 26.69
C SER B 133 -45.49 -6.56 27.41
N VAL B 134 -44.86 -7.72 27.30
CA VAL B 134 -43.51 -7.92 27.82
C VAL B 134 -42.57 -8.03 26.63
N VAL B 135 -41.32 -7.59 26.82
CA VAL B 135 -40.37 -7.50 25.72
C VAL B 135 -39.06 -8.14 26.16
N CYS B 136 -38.68 -9.23 25.50
CA CYS B 136 -37.39 -9.86 25.75
C CYS B 136 -36.36 -9.31 24.77
N LEU B 137 -35.16 -9.05 25.28
CA LEU B 137 -34.11 -8.37 24.52
C LEU B 137 -32.89 -9.29 24.41
N LEU B 138 -32.45 -9.55 23.20
CA LEU B 138 -31.21 -10.27 22.92
C LEU B 138 -30.26 -9.30 22.25
N ASN B 139 -29.20 -8.91 22.95
CA ASN B 139 -28.31 -7.85 22.51
C ASN B 139 -26.98 -8.42 22.05
N ASN B 140 -26.57 -8.05 20.83
CA ASN B 140 -25.21 -8.21 20.33
C ASN B 140 -24.78 -9.67 20.35
N PHE B 141 -25.37 -10.43 19.43
CA PHE B 141 -25.06 -11.85 19.27
C PHE B 141 -24.84 -12.17 17.79
N TYR B 142 -24.37 -13.39 17.55
CA TYR B 142 -23.99 -13.89 16.24
C TYR B 142 -23.63 -15.35 16.46
N PRO B 143 -23.99 -16.25 15.52
CA PRO B 143 -24.49 -16.05 14.16
C PRO B 143 -26.01 -15.97 13.96
N ARG B 144 -26.71 -15.06 14.64
CA ARG B 144 -28.05 -14.63 14.27
C ARG B 144 -29.19 -15.65 14.45
N GLU B 145 -28.89 -16.93 14.55
CA GLU B 145 -29.93 -17.94 14.78
C GLU B 145 -30.05 -18.19 16.29
N ALA B 146 -31.16 -17.74 16.84
CA ALA B 146 -31.47 -17.94 18.24
C ALA B 146 -32.98 -18.00 18.38
N LYS B 147 -33.44 -18.68 19.41
CA LYS B 147 -34.88 -18.78 19.64
C LYS B 147 -35.17 -18.47 21.10
N VAL B 148 -36.30 -17.81 21.33
CA VAL B 148 -36.78 -17.50 22.68
C VAL B 148 -38.02 -18.33 22.96
N GLN B 149 -38.22 -18.66 24.23
CA GLN B 149 -39.36 -19.44 24.67
C GLN B 149 -39.96 -18.77 25.89
N TRP B 150 -41.20 -18.31 25.78
CA TRP B 150 -41.87 -17.66 26.90
C TRP B 150 -42.39 -18.70 27.88
N LYS B 151 -42.41 -18.31 29.16
CA LYS B 151 -42.75 -19.29 30.20
C LYS B 151 -44.14 -19.07 30.79
N VAL B 152 -44.28 -18.10 31.69
CA VAL B 152 -45.51 -17.91 32.45
C VAL B 152 -45.90 -19.23 33.13
N ASP B 153 -44.91 -19.88 33.76
CA ASP B 153 -45.03 -21.11 34.55
C ASP B 153 -45.21 -22.36 33.69
N ASN B 154 -45.67 -22.20 32.46
CA ASN B 154 -45.77 -23.32 31.53
C ASN B 154 -45.68 -22.77 30.12
N ALA B 155 -44.95 -23.47 29.26
CA ALA B 155 -44.46 -22.86 28.03
C ALA B 155 -45.58 -22.22 27.24
N LEU B 156 -45.40 -20.93 26.92
CA LEU B 156 -46.37 -20.21 26.10
C LEU B 156 -45.79 -20.26 24.70
N GLN B 157 -46.37 -21.14 23.88
CA GLN B 157 -45.89 -21.34 22.51
C GLN B 157 -46.78 -20.52 21.59
N SER B 158 -48.04 -20.92 21.44
CA SER B 158 -49.02 -20.00 20.89
C SER B 158 -48.61 -19.51 19.51
N GLY B 159 -48.01 -18.33 19.45
CA GLY B 159 -48.11 -17.43 18.33
C GLY B 159 -48.69 -16.12 18.83
N ASN B 160 -48.78 -16.00 20.15
CA ASN B 160 -49.03 -14.73 20.82
C ASN B 160 -47.76 -13.89 20.97
N SER B 161 -46.61 -14.39 20.55
CA SER B 161 -45.35 -13.67 20.61
C SER B 161 -44.87 -13.31 19.21
N GLN B 162 -44.15 -12.20 19.10
CA GLN B 162 -43.66 -11.73 17.82
C GLN B 162 -42.19 -11.32 17.94
N GLU B 163 -41.35 -11.85 17.06
CA GLU B 163 -39.92 -11.56 17.06
C GLU B 163 -39.56 -10.57 15.97
N SER B 164 -38.56 -9.74 16.25
CA SER B 164 -38.00 -8.84 15.25
C SER B 164 -36.48 -8.81 15.40
N VAL B 165 -35.77 -9.04 14.30
CA VAL B 165 -34.31 -9.07 14.29
C VAL B 165 -33.81 -7.86 13.51
N THR B 166 -32.69 -7.29 13.96
CA THR B 166 -32.09 -6.15 13.28
C THR B 166 -31.21 -6.63 12.13
N GLU B 167 -30.61 -5.67 11.43
CA GLU B 167 -29.61 -5.97 10.43
C GLU B 167 -28.26 -6.22 11.12
N GLN B 168 -27.24 -6.52 10.33
CA GLN B 168 -25.90 -6.71 10.89
C GLN B 168 -25.27 -5.36 11.18
N ASP B 169 -24.70 -5.22 12.37
CA ASP B 169 -24.16 -3.94 12.79
C ASP B 169 -22.92 -3.58 11.98
N SER B 170 -22.70 -2.28 11.79
CA SER B 170 -21.55 -1.80 11.05
C SER B 170 -20.29 -1.72 11.91
N LYS B 171 -20.40 -1.99 13.21
CA LYS B 171 -19.27 -1.88 14.13
C LYS B 171 -18.75 -3.26 14.52
N ASP B 172 -19.53 -4.04 15.26
CA ASP B 172 -19.12 -5.38 15.68
C ASP B 172 -19.65 -6.49 14.80
N SER B 173 -20.39 -6.16 13.74
CA SER B 173 -20.96 -7.15 12.83
C SER B 173 -21.81 -8.18 13.59
N THR B 174 -22.75 -7.67 14.38
CA THR B 174 -23.56 -8.51 15.26
C THR B 174 -25.03 -8.23 15.02
N TYR B 175 -25.88 -9.10 15.55
CA TYR B 175 -27.32 -9.01 15.40
C TYR B 175 -27.96 -8.77 16.76
N SER B 176 -29.15 -8.17 16.72
CA SER B 176 -29.97 -7.95 17.90
C SER B 176 -31.39 -8.43 17.62
N LEU B 177 -32.04 -8.94 18.65
CA LEU B 177 -33.39 -9.48 18.54
C LEU B 177 -34.25 -8.94 19.66
N SER B 178 -35.52 -8.67 19.35
CA SER B 178 -36.50 -8.26 20.35
C SER B 178 -37.76 -9.09 20.14
N SER B 179 -38.13 -9.86 21.15
CA SER B 179 -39.32 -10.71 21.10
C SER B 179 -40.36 -10.14 22.05
N THR B 180 -41.41 -9.56 21.50
CA THR B 180 -42.50 -8.99 22.29
C THR B 180 -43.62 -10.02 22.44
N LEU B 181 -43.89 -10.40 23.68
CA LEU B 181 -45.05 -11.22 24.01
C LEU B 181 -46.19 -10.27 24.38
N THR B 182 -47.18 -10.18 23.50
CA THR B 182 -48.37 -9.37 23.70
C THR B 182 -49.54 -10.19 24.23
N LEU B 183 -49.30 -11.46 24.55
CA LEU B 183 -50.37 -12.38 24.98
C LEU B 183 -51.21 -11.80 26.09
N SER B 184 -50.62 -10.99 26.96
CA SER B 184 -51.29 -10.66 28.20
C SER B 184 -52.42 -9.66 27.97
N LYS B 185 -53.18 -9.43 29.04
CA LYS B 185 -54.43 -8.68 29.11
C LYS B 185 -54.57 -8.23 30.56
N ALA B 186 -55.80 -7.90 30.98
CA ALA B 186 -56.05 -7.89 32.43
C ALA B 186 -55.54 -9.18 33.06
N ASP B 187 -55.81 -10.32 32.42
CA ASP B 187 -55.37 -11.62 32.92
C ASP B 187 -53.86 -11.72 32.99
N TYR B 188 -53.15 -10.68 32.50
CA TYR B 188 -51.72 -10.59 32.75
C TYR B 188 -51.41 -10.86 34.20
N GLU B 189 -52.25 -10.37 35.12
CA GLU B 189 -52.10 -10.89 36.47
C GLU B 189 -53.28 -11.82 36.73
N LYS B 190 -53.11 -13.08 36.36
CA LYS B 190 -53.50 -14.24 37.13
C LYS B 190 -52.29 -15.03 37.61
N HIS B 191 -51.08 -14.63 37.21
CA HIS B 191 -49.88 -15.45 37.31
C HIS B 191 -48.74 -14.63 37.89
N LYS B 192 -47.66 -15.32 38.26
CA LYS B 192 -46.52 -14.71 38.94
C LYS B 192 -45.28 -14.62 38.06
N VAL B 193 -44.72 -15.76 37.67
CA VAL B 193 -43.40 -15.80 37.03
C VAL B 193 -43.52 -15.52 35.54
N TYR B 194 -42.61 -14.70 35.03
CA TYR B 194 -42.50 -14.46 33.59
C TYR B 194 -41.04 -14.58 33.19
N ALA B 195 -40.74 -15.43 32.22
CA ALA B 195 -39.36 -15.74 31.86
C ALA B 195 -39.21 -15.89 30.35
N CYS B 196 -37.99 -15.67 29.87
CA CYS B 196 -37.58 -16.09 28.54
C CYS B 196 -36.53 -17.18 28.68
N GLU B 197 -36.61 -18.16 27.78
CA GLU B 197 -35.58 -19.18 27.62
C GLU B 197 -34.92 -18.95 26.25
N VAL B 198 -33.70 -18.48 26.26
CA VAL B 198 -32.96 -18.14 25.04
C VAL B 198 -32.00 -19.27 24.72
N THR B 199 -32.11 -19.80 23.50
CA THR B 199 -31.21 -20.81 22.98
C THR B 199 -30.48 -20.22 21.78
N HIS B 200 -29.15 -20.22 21.84
CA HIS B 200 -28.32 -19.67 20.78
C HIS B 200 -27.03 -20.48 20.73
N GLN B 201 -26.39 -20.48 19.55
CA GLN B 201 -25.17 -21.25 19.36
C GLN B 201 -24.09 -20.85 20.37
N GLY B 202 -23.93 -19.56 20.60
CA GLY B 202 -22.94 -19.07 21.54
C GLY B 202 -23.22 -19.34 22.99
N LEU B 203 -24.35 -19.97 23.31
CA LEU B 203 -24.72 -20.28 24.69
C LEU B 203 -24.38 -21.75 24.98
N SER B 204 -23.58 -21.97 26.02
CA SER B 204 -23.26 -23.32 26.46
C SER B 204 -24.46 -24.06 27.01
N SER B 205 -25.59 -23.37 27.18
CA SER B 205 -26.84 -23.89 27.73
C SER B 205 -27.89 -22.80 27.64
N PRO B 206 -29.16 -23.13 27.43
CA PRO B 206 -30.18 -22.08 27.28
C PRO B 206 -30.29 -21.24 28.54
N VAL B 207 -30.26 -19.92 28.37
CA VAL B 207 -30.26 -18.99 29.49
C VAL B 207 -31.66 -18.44 29.69
N THR B 208 -32.13 -18.43 30.93
CA THR B 208 -33.47 -17.98 31.26
C THR B 208 -33.38 -16.69 32.07
N LYS B 209 -34.10 -15.66 31.60
CA LYS B 209 -34.16 -14.38 32.30
C LYS B 209 -35.61 -14.14 32.70
N SER B 210 -35.84 -13.90 33.99
CA SER B 210 -37.20 -13.90 34.53
C SER B 210 -37.41 -12.73 35.48
N PHE B 211 -38.69 -12.42 35.68
CA PHE B 211 -39.12 -11.51 36.73
C PHE B 211 -40.38 -12.07 37.37
N ASN B 212 -40.52 -11.83 38.67
CA ASN B 212 -41.75 -12.11 39.39
C ASN B 212 -42.60 -10.86 39.44
N ARG B 213 -43.86 -10.98 39.04
CA ARG B 213 -44.76 -9.83 39.03
C ARG B 213 -44.89 -9.23 40.43
N GLY B 214 -44.83 -7.90 40.50
CA GLY B 214 -44.83 -7.20 41.77
C GLY B 214 -43.47 -6.75 42.24
N GLU B 215 -42.41 -7.04 41.48
CA GLU B 215 -41.06 -6.64 41.86
C GLU B 215 -40.22 -6.37 40.61
N GLU C 7 42.51 -9.58 12.51
CA GLU C 7 41.91 -8.41 11.89
C GLU C 7 42.99 -7.44 11.41
N GLY C 8 44.25 -7.82 11.61
CA GLY C 8 45.35 -6.95 11.22
C GLY C 8 46.60 -7.74 10.89
N ARG C 9 47.44 -7.14 10.06
CA ARG C 9 48.71 -7.73 9.69
C ARG C 9 49.74 -6.62 9.55
N LEU C 10 50.91 -6.80 10.15
CA LEU C 10 51.98 -5.81 10.14
C LEU C 10 53.19 -6.38 9.43
N VAL C 11 53.72 -5.63 8.46
CA VAL C 11 54.86 -6.06 7.66
C VAL C 11 55.74 -4.85 7.37
N THR C 12 57.06 -5.03 7.52
CA THR C 12 58.00 -3.98 7.19
C THR C 12 58.08 -3.77 5.69
N PRO C 13 58.30 -2.53 5.23
CA PRO C 13 58.29 -2.26 3.78
C PRO C 13 59.27 -3.15 3.02
N GLY C 14 58.78 -3.73 1.92
CA GLY C 14 59.57 -4.58 1.07
C GLY C 14 59.37 -6.06 1.30
N THR C 15 58.80 -6.45 2.44
CA THR C 15 58.62 -7.86 2.76
C THR C 15 57.30 -8.36 2.18
N PRO C 16 57.29 -9.36 1.32
CA PRO C 16 56.04 -9.84 0.74
C PRO C 16 55.18 -10.57 1.76
N LEU C 17 53.86 -10.49 1.56
CA LEU C 17 52.90 -11.14 2.44
C LEU C 17 51.79 -11.76 1.60
N THR C 18 51.00 -12.62 2.23
CA THR C 18 49.92 -13.33 1.55
C THR C 18 48.69 -13.36 2.45
N LEU C 19 47.56 -12.95 1.89
CA LEU C 19 46.27 -13.01 2.58
C LEU C 19 45.42 -14.10 1.97
N THR C 20 44.75 -14.88 2.82
CA THR C 20 43.96 -16.02 2.39
C THR C 20 42.48 -15.75 2.63
N CYS C 21 41.65 -16.31 1.75
CA CYS C 21 40.20 -16.15 1.82
C CYS C 21 39.53 -17.47 1.55
N THR C 22 38.60 -17.86 2.42
CA THR C 22 37.83 -19.09 2.29
C THR C 22 36.35 -18.80 2.49
N GLY C 23 35.54 -19.86 2.47
CA GLY C 23 34.12 -19.73 2.66
C GLY C 23 33.51 -20.90 3.42
N SER C 29 34.08 -23.23 -1.12
CA SER C 29 34.64 -24.02 -2.22
C SER C 29 35.27 -23.11 -3.27
N THR C 30 35.21 -23.52 -4.54
CA THR C 30 35.83 -22.76 -5.63
C THR C 30 34.77 -22.22 -6.57
N TYR C 31 34.49 -20.92 -6.49
CA TYR C 31 33.98 -20.19 -7.64
C TYR C 31 34.51 -18.76 -7.63
N ALA C 32 35.28 -18.40 -8.68
CA ALA C 32 35.39 -17.02 -9.16
C ALA C 32 35.48 -15.93 -8.10
N MET C 33 36.61 -15.79 -7.42
CA MET C 33 36.70 -14.81 -6.34
C MET C 33 37.52 -13.59 -6.74
N ILE C 34 37.14 -12.43 -6.20
CA ILE C 34 37.76 -11.15 -6.52
C ILE C 34 38.34 -10.54 -5.26
N TRP C 35 39.26 -9.60 -5.45
CA TRP C 35 39.87 -8.86 -4.35
C TRP C 35 39.67 -7.36 -4.53
N VAL C 36 39.59 -6.65 -3.41
CA VAL C 36 39.44 -5.20 -3.39
C VAL C 36 40.26 -4.66 -2.22
N ARG C 37 40.80 -3.45 -2.37
CA ARG C 37 41.51 -2.77 -1.30
C ARG C 37 40.89 -1.40 -1.05
N GLN C 38 40.90 -0.99 0.21
CA GLN C 38 40.37 0.31 0.62
C GLN C 38 41.32 0.95 1.61
N ALA C 39 41.90 2.10 1.25
CA ALA C 39 42.77 2.79 2.18
C ALA C 39 41.94 3.53 3.22
N PRO C 40 42.43 3.63 4.46
CA PRO C 40 41.67 4.34 5.49
C PRO C 40 41.39 5.78 5.07
N GLY C 41 40.12 6.16 5.16
CA GLY C 41 39.69 7.46 4.68
C GLY C 41 39.44 7.55 3.18
N GLN C 42 39.76 6.51 2.42
CA GLN C 42 39.58 6.49 0.98
C GLN C 42 38.51 5.47 0.59
N GLY C 43 38.31 5.33 -0.71
CA GLY C 43 37.29 4.43 -1.24
C GLY C 43 37.84 3.08 -1.64
N VAL C 44 36.95 2.24 -2.15
CA VAL C 44 37.29 0.88 -2.55
C VAL C 44 37.99 0.91 -3.90
N GLU C 45 39.06 0.13 -4.01
CA GLU C 45 39.85 0.04 -5.24
C GLU C 45 39.81 -1.40 -5.75
N TYR C 46 39.37 -1.57 -6.99
CA TYR C 46 39.34 -2.89 -7.60
C TYR C 46 40.75 -3.41 -7.83
N ILE C 47 40.94 -4.72 -7.64
CA ILE C 47 42.23 -5.37 -7.84
C ILE C 47 42.17 -6.38 -9.00
N GLY C 48 41.38 -7.43 -8.85
CA GLY C 48 41.27 -8.42 -9.91
C GLY C 48 40.48 -9.62 -9.47
N ILE C 49 40.17 -10.46 -10.45
CA ILE C 49 39.47 -11.71 -10.21
C ILE C 49 40.45 -12.87 -10.30
N ILE C 50 39.98 -14.05 -9.92
CA ILE C 50 40.48 -15.34 -10.36
C ILE C 50 39.24 -16.19 -10.66
N ASN C 51 39.19 -16.74 -11.87
CA ASN C 51 38.00 -17.43 -12.36
C ASN C 51 37.96 -18.85 -11.83
N THR C 52 36.95 -19.61 -12.28
CA THR C 52 36.83 -21.00 -11.85
C THR C 52 37.93 -21.88 -12.44
N GLY C 53 38.64 -21.38 -13.45
CA GLY C 53 39.75 -22.10 -14.04
C GLY C 53 41.12 -21.64 -13.60
N GLY C 54 41.20 -20.68 -12.70
CA GLY C 54 42.48 -20.20 -12.22
C GLY C 54 43.08 -19.06 -13.00
N SER C 55 42.32 -18.42 -13.89
CA SER C 55 42.81 -17.28 -14.65
C SER C 55 42.61 -16.01 -13.83
N ALA C 56 43.71 -15.35 -13.49
CA ALA C 56 43.68 -14.16 -12.64
C ALA C 56 43.80 -12.90 -13.51
N SER C 57 42.85 -11.99 -13.34
CA SER C 57 42.81 -10.76 -14.14
C SER C 57 42.96 -9.57 -13.21
N TYR C 58 43.83 -8.63 -13.59
CA TYR C 58 44.21 -7.52 -12.74
C TYR C 58 43.82 -6.19 -13.38
N ALA C 59 43.70 -5.18 -12.52
CA ALA C 59 43.59 -3.80 -12.97
C ALA C 59 44.97 -3.28 -13.40
N SER C 60 44.95 -2.23 -14.23
CA SER C 60 46.20 -1.71 -14.79
C SER C 60 47.16 -1.24 -13.71
N TRP C 61 46.66 -0.50 -12.72
CA TRP C 61 47.53 0.05 -11.69
C TRP C 61 48.14 -1.03 -10.80
N ALA C 62 47.41 -2.13 -10.59
CA ALA C 62 47.83 -3.17 -9.67
C ALA C 62 48.57 -4.32 -10.37
N LYS C 63 48.79 -4.23 -11.68
CA LYS C 63 49.48 -5.30 -12.37
C LYS C 63 50.94 -5.32 -11.99
N GLY C 64 51.42 -6.45 -11.49
CA GLY C 64 52.78 -6.60 -11.03
C GLY C 64 52.99 -6.27 -9.56
N ARG C 65 52.11 -5.46 -8.97
CA ARG C 65 52.21 -5.16 -7.54
C ARG C 65 51.59 -6.27 -6.70
N PHE C 66 50.50 -6.85 -7.16
CA PHE C 66 49.80 -7.92 -6.45
C PHE C 66 49.73 -9.16 -7.33
N THR C 67 49.50 -10.31 -6.70
CA THR C 67 49.32 -11.58 -7.41
C THR C 67 48.19 -12.36 -6.76
N ILE C 68 47.28 -12.89 -7.57
CA ILE C 68 46.10 -13.58 -7.07
C ILE C 68 46.20 -15.05 -7.45
N SER C 69 46.37 -15.90 -6.44
CA SER C 69 46.37 -17.35 -6.61
C SER C 69 45.06 -17.94 -6.10
N ARG C 70 44.92 -19.26 -6.28
CA ARG C 70 43.79 -19.98 -5.72
C ARG C 70 44.14 -21.46 -5.64
N THR C 71 43.39 -22.17 -4.80
CA THR C 71 43.53 -23.61 -4.62
C THR C 71 42.13 -24.19 -4.50
N SER C 72 42.03 -25.48 -4.17
CA SER C 72 40.72 -26.09 -3.98
C SER C 72 40.00 -25.51 -2.76
N THR C 73 40.73 -25.27 -1.68
CA THR C 73 40.11 -24.76 -0.46
C THR C 73 40.29 -23.26 -0.24
N THR C 74 41.04 -22.56 -1.09
CA THR C 74 41.44 -21.20 -0.73
C THR C 74 41.65 -20.34 -1.97
N VAL C 75 41.48 -19.03 -1.79
CA VAL C 75 41.88 -18.02 -2.75
C VAL C 75 42.85 -17.07 -2.07
N ASP C 76 44.02 -16.87 -2.68
CA ASP C 76 45.11 -16.14 -2.06
C ASP C 76 45.40 -14.85 -2.82
N LEU C 77 45.87 -13.84 -2.08
CA LEU C 77 46.38 -12.60 -2.64
C LEU C 77 47.71 -12.27 -1.98
N LYS C 78 48.78 -12.27 -2.77
CA LYS C 78 50.12 -11.95 -2.31
C LYS C 78 50.50 -10.55 -2.75
N ILE C 79 51.07 -9.78 -1.81
CA ILE C 79 51.63 -8.46 -2.10
C ILE C 79 53.14 -8.63 -2.16
N THR C 80 53.73 -8.30 -3.30
CA THR C 80 55.17 -8.45 -3.52
C THR C 80 55.83 -7.08 -3.44
N SER C 81 56.91 -6.99 -2.66
CA SER C 81 57.59 -5.74 -2.37
C SER C 81 56.60 -4.64 -1.98
N PRO C 82 55.83 -4.83 -0.91
CA PRO C 82 54.80 -3.84 -0.55
C PRO C 82 55.45 -2.53 -0.12
N THR C 83 54.95 -1.43 -0.67
CA THR C 83 55.43 -0.11 -0.31
C THR C 83 54.63 0.44 0.87
N THR C 84 54.99 1.63 1.32
CA THR C 84 54.26 2.27 2.42
C THR C 84 52.84 2.65 1.98
N GLU C 85 52.64 2.93 0.70
CA GLU C 85 51.33 3.33 0.19
C GLU C 85 50.31 2.19 0.20
N ASP C 86 50.74 0.95 0.44
CA ASP C 86 49.84 -0.20 0.35
C ASP C 86 49.09 -0.50 1.64
N THR C 87 49.29 0.29 2.70
CA THR C 87 48.57 0.03 3.93
C THR C 87 47.09 0.34 3.75
N ALA C 88 46.24 -0.65 3.94
CA ALA C 88 44.81 -0.52 3.65
C ALA C 88 44.12 -1.77 4.19
N THR C 89 42.79 -1.80 4.05
CA THR C 89 41.99 -2.96 4.39
C THR C 89 41.66 -3.72 3.11
N TYR C 90 41.84 -5.03 3.14
CA TYR C 90 41.66 -5.87 1.97
C TYR C 90 40.43 -6.76 2.13
N PHE C 91 39.55 -6.70 1.14
CA PHE C 91 38.32 -7.49 1.09
C PHE C 91 38.42 -8.52 -0.03
N CYS C 92 37.75 -9.66 0.16
CA CYS C 92 37.61 -10.68 -0.84
C CYS C 92 36.13 -11.02 -1.01
N ALA C 93 35.68 -11.13 -2.25
CA ALA C 93 34.27 -11.35 -2.52
C ALA C 93 34.09 -12.42 -3.59
N ARG C 94 33.23 -13.39 -3.30
CA ARG C 94 32.93 -14.47 -4.23
C ARG C 94 31.68 -14.16 -5.04
N THR C 95 31.68 -14.60 -6.29
CA THR C 95 30.49 -14.50 -7.12
C THR C 95 29.34 -15.28 -6.50
N ARG C 96 28.12 -14.77 -6.70
CA ARG C 96 26.92 -15.36 -6.13
C ARG C 96 26.29 -16.31 -7.14
N GLY C 97 26.12 -17.58 -6.76
CA GLY C 97 25.54 -18.55 -7.66
C GLY C 97 26.56 -19.22 -8.55
N VAL C 98 26.16 -19.60 -9.77
CA VAL C 98 27.05 -20.28 -10.70
C VAL C 98 28.08 -19.28 -11.23
N ASN C 99 27.63 -18.30 -12.03
CA ASN C 99 28.47 -17.16 -12.38
C ASN C 99 29.78 -17.60 -13.03
N ASP C 100 30.89 -17.48 -12.29
CA ASP C 100 32.25 -17.66 -12.78
C ASP C 100 32.72 -16.54 -13.70
N ALA C 101 33.05 -15.40 -13.10
CA ALA C 101 34.01 -14.39 -13.54
C ALA C 101 33.42 -13.36 -14.51
N TYR C 102 32.25 -13.58 -15.09
CA TYR C 102 31.56 -12.50 -15.78
C TYR C 102 30.58 -11.78 -14.86
N GLU C 103 30.49 -12.21 -13.61
CA GLU C 103 29.53 -11.65 -12.67
C GLU C 103 29.90 -10.21 -12.34
N HIS C 104 28.90 -9.33 -12.39
CA HIS C 104 29.11 -7.90 -12.19
C HIS C 104 28.85 -7.44 -10.78
N ALA C 105 28.36 -8.30 -9.89
CA ALA C 105 28.19 -7.93 -8.49
C ALA C 105 28.33 -9.15 -7.60
N PHE C 106 29.01 -8.98 -6.46
CA PHE C 106 29.23 -10.07 -5.52
C PHE C 106 28.67 -9.64 -4.17
N ASP C 107 27.56 -10.26 -3.75
CA ASP C 107 26.97 -9.96 -2.45
C ASP C 107 27.80 -10.50 -1.28
N PRO C 108 28.31 -11.74 -1.31
CA PRO C 108 29.09 -12.21 -0.16
C PRO C 108 30.44 -11.51 -0.10
N TRP C 109 30.80 -11.06 1.09
CA TRP C 109 32.07 -10.37 1.30
C TRP C 109 32.69 -10.87 2.60
N GLY C 110 33.98 -11.17 2.56
CA GLY C 110 34.72 -11.44 3.76
C GLY C 110 34.77 -10.20 4.63
N PRO C 111 35.05 -10.37 5.92
CA PRO C 111 35.08 -9.20 6.82
C PRO C 111 36.18 -8.20 6.47
N GLY C 112 37.22 -8.63 5.78
CA GLY C 112 38.34 -7.76 5.45
C GLY C 112 39.43 -7.83 6.49
N THR C 113 40.67 -7.64 6.04
CA THR C 113 41.83 -7.68 6.92
C THR C 113 42.68 -6.44 6.67
N LEU C 114 42.99 -5.72 7.74
CA LEU C 114 43.79 -4.50 7.61
C LEU C 114 45.27 -4.85 7.61
N VAL C 115 46.01 -4.29 6.66
CA VAL C 115 47.44 -4.51 6.51
C VAL C 115 48.13 -3.17 6.62
N THR C 116 49.10 -3.08 7.52
CA THR C 116 49.88 -1.87 7.75
C THR C 116 51.34 -2.13 7.35
N VAL C 117 51.89 -1.25 6.54
CA VAL C 117 53.27 -1.33 6.10
C VAL C 117 54.04 -0.22 6.83
N SER C 118 54.92 -0.62 7.75
CA SER C 118 55.66 0.36 8.53
C SER C 118 56.91 -0.29 9.11
N SER C 119 57.84 0.56 9.52
CA SER C 119 59.06 0.12 10.20
C SER C 119 58.91 0.12 11.73
N ALA C 120 57.80 0.63 12.25
CA ALA C 120 57.59 0.69 13.69
C ALA C 120 57.29 -0.68 14.27
N SER C 121 57.46 -0.80 15.58
CA SER C 121 57.33 -2.07 16.29
C SER C 121 55.97 -2.19 16.96
N THR C 122 55.47 -3.43 17.00
CA THR C 122 54.19 -3.72 17.65
C THR C 122 54.25 -3.41 19.13
N LYS C 123 53.24 -2.68 19.62
CA LYS C 123 53.13 -2.34 21.04
C LYS C 123 51.72 -2.61 21.53
N GLY C 124 51.62 -3.27 22.67
CA GLY C 124 50.33 -3.51 23.29
C GLY C 124 49.73 -2.24 23.86
N PRO C 125 48.41 -2.16 23.89
CA PRO C 125 47.75 -0.95 24.37
C PRO C 125 47.79 -0.84 25.89
N SER C 126 47.64 0.40 26.36
CA SER C 126 47.53 0.70 27.78
C SER C 126 46.18 1.34 28.02
N VAL C 127 45.34 0.68 28.80
CA VAL C 127 43.97 1.11 29.04
C VAL C 127 43.89 1.84 30.37
N PHE C 128 43.24 3.01 30.37
CA PHE C 128 43.03 3.77 31.58
C PHE C 128 41.56 4.13 31.72
N PRO C 129 41.01 4.07 32.93
CA PRO C 129 39.59 4.38 33.10
C PRO C 129 39.32 5.87 33.03
N LEU C 130 38.19 6.21 32.40
CA LEU C 130 37.66 7.57 32.41
C LEU C 130 36.46 7.56 33.36
N ALA C 131 36.60 8.21 34.51
CA ALA C 131 35.62 8.09 35.57
C ALA C 131 34.94 9.43 35.85
N PRO C 132 33.66 9.41 36.23
CA PRO C 132 32.89 10.62 36.57
C PRO C 132 33.44 11.34 37.80
N GLY C 140 21.11 14.74 36.27
CA GLY C 140 20.97 14.62 34.83
C GLY C 140 21.40 13.27 34.30
N THR C 141 22.44 13.26 33.48
CA THR C 141 22.99 12.04 32.91
C THR C 141 24.46 11.93 33.26
N ALA C 142 24.99 10.72 33.17
CA ALA C 142 26.37 10.42 33.51
C ALA C 142 27.12 9.92 32.28
N ALA C 143 28.45 10.09 32.31
CA ALA C 143 29.31 9.63 31.24
C ALA C 143 30.57 9.02 31.82
N LEU C 144 30.88 7.80 31.40
CA LEU C 144 32.09 7.09 31.77
C LEU C 144 32.74 6.56 30.50
N GLY C 145 33.98 6.11 30.61
CA GLY C 145 34.65 5.64 29.40
C GLY C 145 35.94 4.91 29.71
N CYS C 146 36.61 4.53 28.63
CA CYS C 146 37.91 3.87 28.67
C CYS C 146 38.80 4.49 27.61
N LEU C 147 40.00 4.89 28.01
CA LEU C 147 40.97 5.51 27.11
C LEU C 147 42.04 4.48 26.79
N VAL C 148 42.11 4.07 25.53
CA VAL C 148 43.10 3.11 25.06
C VAL C 148 44.23 3.90 24.41
N LYS C 149 45.41 3.88 25.02
CA LYS C 149 46.50 4.75 24.64
C LYS C 149 47.74 3.96 24.26
N ASP C 150 48.48 4.47 23.29
CA ASP C 150 49.80 3.98 22.90
C ASP C 150 49.74 2.52 22.43
N TYR C 151 49.10 2.34 21.28
CA TYR C 151 49.20 1.09 20.51
C TYR C 151 49.44 1.44 19.06
N PHE C 152 50.60 1.09 18.52
CA PHE C 152 50.83 1.26 17.09
C PHE C 152 50.09 0.25 16.22
N PRO C 153 50.24 -1.07 16.41
CA PRO C 153 50.20 -1.99 15.25
C PRO C 153 49.00 -1.89 14.32
N GLU C 154 47.78 -1.84 14.86
CA GLU C 154 46.62 -2.20 14.05
C GLU C 154 45.35 -1.99 14.87
N PRO C 155 44.14 -2.20 14.32
CA PRO C 155 42.94 -1.77 15.05
C PRO C 155 42.76 -2.46 16.40
N VAL C 156 41.95 -1.83 17.24
CA VAL C 156 41.50 -2.40 18.50
C VAL C 156 39.98 -2.44 18.49
N THR C 157 39.42 -3.27 19.36
CA THR C 157 37.98 -3.40 19.51
C THR C 157 37.63 -3.24 20.98
N VAL C 158 36.87 -2.20 21.31
CA VAL C 158 36.43 -1.96 22.68
C VAL C 158 34.95 -2.32 22.77
N SER C 159 34.60 -3.09 23.81
CA SER C 159 33.22 -3.41 24.10
C SER C 159 32.94 -3.15 25.58
N TRP C 160 31.66 -3.16 25.94
CA TRP C 160 31.24 -2.81 27.29
C TRP C 160 30.37 -3.92 27.88
N ASN C 161 30.71 -4.33 29.11
CA ASN C 161 29.97 -5.36 29.83
C ASN C 161 29.83 -6.63 29.00
N SER C 162 30.92 -7.03 28.35
CA SER C 162 30.97 -8.21 27.49
C SER C 162 29.92 -8.15 26.38
N GLY C 163 29.62 -6.94 25.91
CA GLY C 163 28.68 -6.76 24.82
C GLY C 163 27.24 -6.58 25.25
N ALA C 164 26.94 -6.66 26.55
CA ALA C 164 25.56 -6.55 27.01
C ALA C 164 25.01 -5.14 26.86
N LEU C 165 25.86 -4.12 26.84
CA LEU C 165 25.42 -2.73 26.73
C LEU C 165 25.88 -2.17 25.40
N THR C 166 24.94 -2.05 24.45
CA THR C 166 25.18 -1.41 23.16
C THR C 166 24.62 0.01 23.06
N SER C 167 23.95 0.51 24.10
CA SER C 167 23.02 1.62 23.93
C SER C 167 23.70 2.97 23.70
N GLY C 168 24.36 3.50 24.72
CA GLY C 168 24.90 4.85 24.62
C GLY C 168 26.38 4.93 24.33
N VAL C 169 26.93 3.87 23.75
CA VAL C 169 28.37 3.74 23.56
C VAL C 169 28.78 4.40 22.24
N HIS C 170 29.88 5.14 22.30
CA HIS C 170 30.54 5.71 21.13
C HIS C 170 32.02 5.38 21.22
N THR C 171 32.56 4.76 20.17
CA THR C 171 33.98 4.44 20.06
C THR C 171 34.57 5.31 18.96
N PHE C 172 35.42 6.24 19.34
CA PHE C 172 35.93 7.25 18.43
C PHE C 172 37.08 6.71 17.59
N PRO C 173 37.24 7.22 16.37
CA PRO C 173 38.38 6.80 15.55
C PRO C 173 39.71 7.12 16.23
N ALA C 174 40.66 6.20 16.09
CA ALA C 174 41.97 6.40 16.70
C ALA C 174 42.70 7.56 16.02
N VAL C 175 43.24 8.47 16.82
CA VAL C 175 44.01 9.59 16.33
C VAL C 175 45.50 9.24 16.44
N LEU C 176 46.26 9.61 15.40
CA LEU C 176 47.66 9.25 15.34
C LEU C 176 48.49 10.28 16.10
N GLN C 177 49.15 9.82 17.15
CA GLN C 177 50.02 10.68 17.95
C GLN C 177 51.35 10.91 17.24
N SER C 178 52.04 11.98 17.64
CA SER C 178 53.36 12.26 17.10
C SER C 178 54.38 11.19 17.46
N SER C 179 54.11 10.38 18.48
CA SER C 179 55.01 9.32 18.90
C SER C 179 55.00 8.13 17.94
N GLY C 180 54.08 8.09 16.99
CA GLY C 180 53.91 6.95 16.13
C GLY C 180 52.94 5.91 16.62
N LEU C 181 52.38 6.10 17.82
CA LEU C 181 51.39 5.19 18.39
C LEU C 181 49.99 5.71 18.09
N TYR C 182 48.99 4.96 18.53
CA TYR C 182 47.59 5.33 18.39
C TYR C 182 46.91 5.38 19.75
N SER C 183 45.92 6.28 19.85
CA SER C 183 45.11 6.43 21.04
C SER C 183 43.67 6.71 20.61
N LEU C 184 42.72 6.04 21.25
CA LEU C 184 41.31 6.29 20.99
C LEU C 184 40.54 6.19 22.29
N SER C 185 39.37 6.82 22.31
CA SER C 185 38.49 6.84 23.47
C SER C 185 37.20 6.11 23.14
N SER C 186 36.65 5.41 24.14
CA SER C 186 35.35 4.76 24.02
C SER C 186 34.54 5.14 25.26
N VAL C 187 33.46 5.88 25.05
CA VAL C 187 32.69 6.43 26.17
C VAL C 187 31.24 5.98 26.07
N VAL C 188 30.57 5.91 27.22
CA VAL C 188 29.17 5.58 27.29
C VAL C 188 28.47 6.60 28.17
N THR C 189 27.26 7.01 27.76
CA THR C 189 26.43 7.93 28.53
C THR C 189 25.25 7.15 29.08
N VAL C 190 25.21 6.97 30.40
CA VAL C 190 24.20 6.16 31.06
C VAL C 190 23.46 7.03 32.07
N PRO C 191 22.19 6.75 32.38
CA PRO C 191 21.54 7.42 33.51
C PRO C 191 22.38 7.32 34.78
N SER C 192 22.52 8.45 35.47
CA SER C 192 23.42 8.51 36.63
C SER C 192 22.93 7.63 37.77
N SER C 193 21.60 7.47 37.91
CA SER C 193 21.06 6.67 39.00
C SER C 193 21.54 5.23 38.96
N SER C 194 21.89 4.73 37.76
CA SER C 194 22.36 3.36 37.62
C SER C 194 23.84 3.21 37.92
N LEU C 195 24.53 4.30 38.28
CA LEU C 195 25.95 4.21 38.58
C LEU C 195 26.20 3.40 39.86
N GLY C 196 25.32 3.53 40.85
CA GLY C 196 25.46 2.81 42.10
C GLY C 196 25.11 1.34 42.04
N THR C 197 24.69 0.83 40.88
CA THR C 197 24.32 -0.57 40.73
C THR C 197 25.14 -1.26 39.64
N GLN C 198 25.00 -0.82 38.39
CA GLN C 198 25.69 -1.48 37.28
C GLN C 198 27.20 -1.31 37.40
N THR C 199 27.94 -2.34 36.99
CA THR C 199 29.39 -2.37 37.16
C THR C 199 30.12 -1.55 36.10
N TYR C 200 29.74 -1.69 34.83
CA TYR C 200 30.36 -1.03 33.69
C TYR C 200 31.85 -1.37 33.59
N ILE C 201 32.11 -2.62 33.17
CA ILE C 201 33.45 -3.01 32.77
C ILE C 201 33.57 -2.84 31.27
N CYS C 202 34.74 -2.39 30.83
CA CYS C 202 35.06 -2.31 29.41
C CYS C 202 36.15 -3.33 29.10
N ASN C 203 35.97 -4.07 28.01
CA ASN C 203 36.99 -5.02 27.55
C ASN C 203 37.56 -4.53 26.24
N VAL C 204 38.86 -4.28 26.23
CA VAL C 204 39.60 -3.89 25.05
C VAL C 204 40.34 -5.12 24.54
N ASN C 205 40.07 -5.49 23.29
CA ASN C 205 40.72 -6.59 22.61
C ASN C 205 41.57 -6.02 21.49
N HIS C 206 42.88 -6.25 21.57
CA HIS C 206 43.83 -5.82 20.54
C HIS C 206 44.50 -7.08 20.00
N LYS C 207 44.17 -7.43 18.76
CA LYS C 207 44.59 -8.73 18.22
C LYS C 207 46.09 -8.81 17.95
N PRO C 208 46.72 -7.88 17.23
CA PRO C 208 48.12 -8.09 16.82
C PRO C 208 49.09 -8.28 17.98
N SER C 209 48.85 -7.62 19.11
CA SER C 209 49.67 -7.84 20.30
C SER C 209 49.07 -8.86 21.24
N ASN C 210 47.89 -9.41 20.92
CA ASN C 210 47.16 -10.40 21.70
C ASN C 210 46.64 -9.83 23.02
N THR C 211 46.93 -8.58 23.35
CA THR C 211 46.50 -8.00 24.62
C THR C 211 44.99 -7.93 24.69
N LYS C 212 44.44 -8.42 25.81
CA LYS C 212 43.03 -8.31 26.13
C LYS C 212 42.91 -7.87 27.58
N VAL C 213 42.13 -6.82 27.83
CA VAL C 213 42.03 -6.25 29.16
C VAL C 213 40.58 -5.92 29.48
N ASP C 214 40.24 -5.99 30.77
CA ASP C 214 38.92 -5.62 31.27
C ASP C 214 39.12 -4.67 32.45
N LYS C 215 38.64 -3.44 32.31
CA LYS C 215 38.77 -2.42 33.35
C LYS C 215 37.40 -1.91 33.74
N LYS C 216 37.11 -1.92 35.04
CA LYS C 216 35.87 -1.36 35.56
C LYS C 216 36.04 0.14 35.79
N VAL C 217 35.08 0.91 35.29
CA VAL C 217 35.11 2.36 35.39
C VAL C 217 34.02 2.80 36.37
N GLU C 218 34.41 3.56 37.39
CA GLU C 218 33.46 4.12 38.34
C GLU C 218 34.04 5.35 39.03
N GLU D 2 41.21 0.58 -20.41
CA GLU D 2 40.92 0.52 -18.98
C GLU D 2 39.67 1.35 -18.65
N LEU D 3 38.74 0.73 -17.92
CA LEU D 3 37.46 1.35 -17.63
C LEU D 3 37.56 2.19 -16.35
N VAL D 4 36.89 3.34 -16.37
CA VAL D 4 36.88 4.26 -15.24
C VAL D 4 35.45 4.76 -15.05
N MET D 5 34.98 4.75 -13.80
CA MET D 5 33.63 5.17 -13.45
C MET D 5 33.68 6.49 -12.71
N THR D 6 32.89 7.46 -13.18
CA THR D 6 32.81 8.78 -12.56
C THR D 6 31.47 8.89 -11.85
N GLN D 7 31.51 9.07 -10.53
CA GLN D 7 30.30 9.23 -9.74
C GLN D 7 30.07 10.72 -9.57
N THR D 8 28.80 11.16 -9.71
CA THR D 8 28.61 12.60 -9.78
C THR D 8 27.70 13.20 -8.69
N PRO D 9 27.67 12.66 -7.45
CA PRO D 9 27.30 13.48 -6.28
C PRO D 9 28.38 13.98 -5.32
N SER D 10 29.47 13.21 -5.11
CA SER D 10 30.35 13.42 -3.96
C SER D 10 29.57 13.33 -2.66
N SER D 11 29.41 14.45 -1.96
CA SER D 11 28.63 14.53 -0.73
C SER D 11 27.24 15.11 -1.03
N THR D 12 26.23 14.63 -0.31
CA THR D 12 24.85 15.06 -0.53
C THR D 12 24.10 15.11 0.79
N SER D 13 22.97 15.83 0.78
CA SER D 13 22.14 16.02 1.96
C SER D 13 20.70 15.69 1.61
N ALA D 14 20.05 14.87 2.46
CA ALA D 14 18.65 14.52 2.31
C ALA D 14 18.02 14.45 3.69
N ALA D 15 16.71 14.65 3.73
CA ALA D 15 15.95 14.64 4.97
C ALA D 15 15.02 13.44 5.01
N VAL D 16 14.67 13.03 6.23
CA VAL D 16 13.81 11.86 6.41
C VAL D 16 12.50 12.07 5.68
N GLY D 17 12.14 11.13 4.81
CA GLY D 17 11.01 11.27 3.93
C GLY D 17 11.32 11.91 2.60
N GLY D 18 12.41 12.67 2.51
CA GLY D 18 12.84 13.24 1.25
C GLY D 18 13.55 12.23 0.38
N THR D 19 14.01 12.70 -0.77
CA THR D 19 14.65 11.86 -1.77
C THR D 19 16.07 12.35 -2.04
N VAL D 20 16.93 11.42 -2.43
CA VAL D 20 18.31 11.76 -2.82
C VAL D 20 18.69 10.88 -4.01
N THR D 21 19.38 11.48 -4.98
CA THR D 21 19.72 10.80 -6.23
C THR D 21 21.22 10.84 -6.45
N ILE D 22 21.79 9.66 -6.70
CA ILE D 22 23.17 9.48 -7.13
C ILE D 22 23.15 9.03 -8.57
N ASN D 23 24.16 9.45 -9.34
CA ASN D 23 24.33 8.98 -10.70
C ASN D 23 25.75 8.48 -10.91
N CYS D 24 25.88 7.48 -11.78
CA CYS D 24 27.14 6.83 -12.09
C CYS D 24 27.31 6.84 -13.60
N GLN D 25 28.36 7.51 -14.07
CA GLN D 25 28.66 7.60 -15.48
C GLN D 25 29.85 6.72 -15.82
N ALA D 26 29.75 5.99 -16.93
CA ALA D 26 30.79 5.08 -17.38
C ALA D 26 31.50 5.66 -18.60
N SER D 27 32.83 5.56 -18.60
CA SER D 27 33.61 6.00 -19.75
C SER D 27 33.38 5.13 -20.97
N GLN D 28 32.85 3.92 -20.78
CA GLN D 28 32.53 3.01 -21.87
C GLN D 28 31.24 2.31 -21.52
N SER D 29 30.46 1.95 -22.53
CA SER D 29 29.11 1.44 -22.28
C SER D 29 29.21 0.03 -21.72
N ILE D 30 28.68 -0.16 -20.50
CA ILE D 30 28.77 -1.44 -19.81
C ILE D 30 27.51 -2.28 -19.95
N GLY D 31 26.45 -1.75 -20.56
CA GLY D 31 25.25 -2.53 -20.81
C GLY D 31 24.60 -3.14 -19.59
N ASN D 32 24.25 -2.31 -18.61
CA ASN D 32 23.54 -2.70 -17.38
C ASN D 32 24.41 -3.51 -16.42
N ALA D 33 25.67 -3.79 -16.75
CA ALA D 33 26.55 -4.47 -15.82
C ALA D 33 26.80 -3.67 -14.54
N LEU D 34 26.31 -2.44 -14.47
CA LEU D 34 26.42 -1.64 -13.26
C LEU D 34 25.69 -2.31 -12.09
N ALA D 35 26.19 -2.08 -10.89
CA ALA D 35 25.54 -2.54 -9.66
C ALA D 35 25.89 -1.56 -8.54
N TRP D 36 24.95 -1.37 -7.62
CA TRP D 36 25.12 -0.41 -6.53
C TRP D 36 25.31 -1.14 -5.21
N TYR D 37 26.33 -0.72 -4.47
CA TYR D 37 26.69 -1.25 -3.17
C TYR D 37 26.55 -0.18 -2.09
N GLN D 38 26.15 -0.62 -0.90
CA GLN D 38 26.10 0.24 0.27
C GLN D 38 27.21 -0.16 1.24
N GLN D 39 27.84 0.83 1.86
CA GLN D 39 28.82 0.56 2.90
C GLN D 39 28.70 1.60 4.01
N LYS D 40 28.78 1.12 5.24
CA LYS D 40 28.82 1.87 6.48
C LYS D 40 30.18 1.66 7.15
N PRO D 41 30.64 2.60 7.97
CA PRO D 41 32.00 2.51 8.51
C PRO D 41 32.23 1.22 9.30
N GLY D 42 33.38 0.61 9.06
CA GLY D 42 33.75 -0.63 9.72
C GLY D 42 33.04 -1.86 9.23
N GLN D 43 32.44 -1.80 8.04
CA GLN D 43 31.65 -2.90 7.51
C GLN D 43 32.06 -3.21 6.08
N PRO D 44 31.95 -4.48 5.66
CA PRO D 44 32.12 -4.79 4.25
C PRO D 44 30.94 -4.25 3.45
N PRO D 45 31.14 -3.90 2.18
CA PRO D 45 30.05 -3.33 1.38
C PRO D 45 28.87 -4.27 1.29
N LYS D 46 27.67 -3.71 1.45
CA LYS D 46 26.41 -4.44 1.36
C LYS D 46 25.81 -4.19 -0.02
N LEU D 47 25.62 -5.25 -0.79
CA LEU D 47 25.07 -5.11 -2.13
C LEU D 47 23.65 -4.55 -2.06
N LEU D 48 23.43 -3.46 -2.77
CA LEU D 48 22.08 -2.86 -2.86
C LEU D 48 21.35 -3.40 -4.09
N ILE D 49 21.79 -2.99 -5.27
CA ILE D 49 21.10 -3.39 -6.50
C ILE D 49 22.07 -4.07 -7.45
N SER D 50 21.54 -5.04 -8.18
CA SER D 50 22.26 -5.76 -9.22
C SER D 50 21.66 -5.41 -10.57
N ALA D 51 22.50 -5.43 -11.60
CA ALA D 51 22.13 -5.03 -12.95
C ALA D 51 21.48 -3.65 -12.92
N GLY D 52 20.46 -3.44 -13.75
CA GLY D 52 19.78 -2.17 -13.73
C GLY D 52 18.88 -1.90 -12.55
N SER D 53 17.80 -2.67 -12.41
CA SER D 53 16.82 -2.43 -11.35
C SER D 53 16.81 -3.43 -10.21
N ASN D 54 17.55 -4.54 -10.30
CA ASN D 54 17.31 -5.66 -9.39
C ASN D 54 17.64 -5.28 -7.96
N LEU D 55 16.69 -5.52 -7.04
CA LEU D 55 16.94 -5.32 -5.62
C LEU D 55 17.07 -6.72 -5.04
N ALA D 56 18.30 -7.16 -4.84
CA ALA D 56 18.52 -8.52 -4.38
C ALA D 56 18.26 -8.63 -2.89
N SER D 57 17.44 -9.59 -2.51
CA SER D 57 17.11 -10.00 -1.15
C SER D 57 16.57 -8.83 -0.33
N GLY D 58 16.78 -8.86 1.00
CA GLY D 58 16.16 -7.80 1.78
C GLY D 58 16.88 -6.48 1.62
N VAL D 59 16.27 -5.60 0.86
CA VAL D 59 16.69 -4.21 0.77
C VAL D 59 15.40 -3.43 0.59
N PRO D 60 15.27 -2.29 1.25
CA PRO D 60 14.03 -1.51 1.15
C PRO D 60 13.76 -1.13 -0.29
N SER D 61 12.50 -1.33 -0.72
CA SER D 61 12.11 -1.02 -2.09
C SER D 61 12.28 0.45 -2.43
N ARG D 62 12.53 1.30 -1.43
CA ARG D 62 12.80 2.71 -1.67
C ARG D 62 14.11 2.93 -2.41
N PHE D 63 14.99 1.94 -2.46
CA PHE D 63 16.18 2.01 -3.31
C PHE D 63 15.79 1.56 -4.72
N ARG D 64 15.93 2.44 -5.69
CA ARG D 64 15.52 2.17 -7.06
C ARG D 64 16.67 2.50 -8.00
N GLY D 65 17.20 1.47 -8.67
CA GLY D 65 18.20 1.67 -9.69
C GLY D 65 17.58 1.83 -11.08
N SER D 66 18.29 2.55 -11.94
CA SER D 66 17.83 2.77 -13.30
C SER D 66 19.03 3.20 -14.14
N GLY D 67 18.76 3.49 -15.40
CA GLY D 67 19.78 3.92 -16.32
C GLY D 67 20.15 2.85 -17.33
N SER D 68 20.76 3.29 -18.43
CA SER D 68 21.20 2.40 -19.49
C SER D 68 22.44 2.98 -20.14
N GLY D 69 23.10 2.15 -20.96
CA GLY D 69 24.27 2.59 -21.69
C GLY D 69 25.42 3.02 -20.80
N THR D 70 25.85 4.26 -20.94
CA THR D 70 26.91 4.82 -20.11
C THR D 70 26.38 5.60 -18.90
N GLU D 71 25.06 5.74 -18.76
CA GLU D 71 24.48 6.57 -17.70
C GLU D 71 23.60 5.74 -16.81
N TYR D 72 23.87 5.76 -15.50
CA TYR D 72 23.06 5.02 -14.54
C TYR D 72 22.75 5.90 -13.35
N THR D 73 21.72 5.51 -12.60
CA THR D 73 21.23 6.29 -11.48
C THR D 73 20.74 5.37 -10.37
N LEU D 74 20.97 5.80 -9.13
CA LEU D 74 20.44 5.15 -7.93
C LEU D 74 19.67 6.21 -7.15
N THR D 75 18.37 5.99 -7.00
CA THR D 75 17.50 6.92 -6.30
C THR D 75 17.04 6.31 -4.98
N ILE D 76 17.21 7.07 -3.90
CA ILE D 76 16.64 6.73 -2.60
C ILE D 76 15.42 7.62 -2.43
N SER D 77 14.24 7.01 -2.52
CA SER D 77 12.99 7.75 -2.58
C SER D 77 12.51 8.15 -1.18
N ASP D 78 12.20 7.18 -0.34
CA ASP D 78 11.89 7.44 1.06
C ASP D 78 13.18 7.29 1.85
N VAL D 79 13.70 8.39 2.37
CA VAL D 79 14.97 8.39 3.08
C VAL D 79 14.71 8.20 4.56
N GLN D 80 15.46 7.30 5.18
CA GLN D 80 15.38 7.04 6.60
C GLN D 80 16.73 7.34 7.23
N ARG D 81 16.72 7.56 8.55
CA ARG D 81 17.95 7.90 9.25
C ARG D 81 18.97 6.76 9.22
N GLU D 82 18.54 5.55 8.90
CA GLU D 82 19.45 4.44 8.71
C GLU D 82 20.20 4.49 7.38
N ASP D 83 19.84 5.43 6.49
CA ASP D 83 20.45 5.51 5.18
C ASP D 83 21.77 6.27 5.16
N ALA D 84 22.14 6.95 6.24
CA ALA D 84 23.40 7.69 6.24
C ALA D 84 24.56 6.71 6.11
N ALA D 85 25.35 6.90 5.04
CA ALA D 85 26.35 5.91 4.64
C ALA D 85 27.02 6.32 3.35
N THR D 86 28.02 5.56 2.91
CA THR D 86 28.69 5.79 1.64
C THR D 86 28.26 4.73 0.63
N TYR D 87 27.86 5.18 -0.55
CA TYR D 87 27.37 4.29 -1.60
C TYR D 87 28.35 4.29 -2.77
N TYR D 88 28.55 3.11 -3.36
CA TYR D 88 29.48 2.94 -4.46
C TYR D 88 28.78 2.27 -5.64
N CYS D 89 29.30 2.54 -6.84
CA CYS D 89 28.89 1.85 -8.05
C CYS D 89 30.12 1.25 -8.71
N LEU D 90 29.98 0.07 -9.29
CA LEU D 90 31.14 -0.53 -9.95
C LEU D 90 30.93 -0.60 -11.46
N GLY D 91 30.14 -1.55 -11.94
CA GLY D 91 30.02 -1.77 -13.37
C GLY D 91 31.18 -2.61 -13.88
N THR D 92 30.96 -3.39 -14.93
CA THR D 92 32.02 -4.18 -15.55
C THR D 92 31.93 -4.04 -17.05
N TYR D 93 32.96 -3.48 -17.67
CA TYR D 93 33.08 -3.59 -19.12
C TYR D 93 33.16 -5.06 -19.50
N SER D 94 34.28 -5.69 -19.14
CA SER D 94 34.55 -7.09 -19.46
C SER D 94 34.82 -7.86 -18.17
N ALA D 95 35.07 -9.16 -18.33
CA ALA D 95 35.52 -9.98 -17.22
C ALA D 95 36.91 -9.57 -16.74
N ILE D 96 37.57 -8.65 -17.44
CA ILE D 96 38.92 -8.21 -17.13
C ILE D 96 38.88 -6.89 -16.37
N ASP D 97 38.34 -5.85 -17.00
CA ASP D 97 38.40 -4.50 -16.45
C ASP D 97 37.15 -4.19 -15.62
N ARG D 98 37.38 -3.79 -14.38
CA ARG D 98 36.33 -3.29 -13.49
C ARG D 98 36.86 -2.10 -12.72
N ALA D 99 35.97 -1.16 -12.42
CA ALA D 99 36.34 0.00 -11.62
C ALA D 99 35.20 0.40 -10.71
N PHE D 100 35.51 0.66 -9.44
CA PHE D 100 34.56 1.25 -8.52
C PHE D 100 34.49 2.77 -8.73
N GLY D 101 33.35 3.34 -8.38
CA GLY D 101 33.21 4.78 -8.37
C GLY D 101 33.96 5.41 -7.22
N ALA D 102 33.87 6.74 -7.15
CA ALA D 102 34.60 7.47 -6.12
C ALA D 102 33.94 7.37 -4.75
N GLY D 103 32.64 7.06 -4.72
CA GLY D 103 31.86 6.95 -3.51
C GLY D 103 31.04 8.20 -3.20
N THR D 104 29.89 8.00 -2.58
CA THR D 104 28.98 9.08 -2.24
C THR D 104 28.72 9.06 -0.74
N ASN D 105 28.90 10.20 -0.09
CA ASN D 105 28.68 10.31 1.36
C ASN D 105 27.31 10.92 1.58
N VAL D 106 26.38 10.10 2.07
CA VAL D 106 25.00 10.51 2.30
C VAL D 106 24.83 10.75 3.79
N GLU D 107 24.61 12.02 4.15
CA GLU D 107 24.31 12.43 5.51
C GLU D 107 22.84 12.82 5.60
N ILE D 108 22.25 12.59 6.78
CA ILE D 108 20.83 12.81 7.00
C ILE D 108 20.64 14.19 7.63
N GLU D 109 19.75 14.99 7.05
CA GLU D 109 19.40 16.28 7.61
C GLU D 109 18.61 16.10 8.90
N ARG D 110 18.77 17.05 9.82
CA ARG D 110 18.24 16.86 11.17
C ARG D 110 18.04 18.21 11.83
N THR D 111 17.26 18.21 12.90
CA THR D 111 17.12 19.39 13.74
C THR D 111 18.45 19.75 14.37
N VAL D 112 18.74 21.05 14.44
CA VAL D 112 19.97 21.51 15.06
C VAL D 112 19.97 21.12 16.53
N ALA D 113 21.02 20.42 16.96
CA ALA D 113 21.13 19.94 18.33
C ALA D 113 22.49 20.32 18.88
N ALA D 114 22.50 20.86 20.10
CA ALA D 114 23.73 21.25 20.78
C ALA D 114 24.33 20.07 21.52
N PRO D 115 25.66 20.01 21.65
CA PRO D 115 26.29 18.89 22.35
C PRO D 115 26.16 19.01 23.86
N SER D 116 26.30 17.86 24.52
CA SER D 116 26.44 17.79 25.97
C SER D 116 27.86 17.34 26.28
N VAL D 117 28.57 18.13 27.07
CA VAL D 117 30.03 17.99 27.21
C VAL D 117 30.37 17.45 28.59
N PHE D 118 31.47 16.70 28.64
CA PHE D 118 31.94 16.09 29.87
C PHE D 118 33.45 16.27 29.97
N ILE D 119 33.96 16.23 31.21
CA ILE D 119 35.28 16.76 31.56
C ILE D 119 36.36 15.68 31.59
N PHE D 120 36.17 14.64 32.42
CA PHE D 120 37.09 13.49 32.45
C PHE D 120 38.53 13.86 32.81
N PRO D 121 38.81 14.13 34.08
CA PRO D 121 40.20 14.44 34.50
C PRO D 121 41.13 13.26 34.23
N PRO D 122 42.43 13.42 34.46
CA PRO D 122 43.36 12.32 34.14
C PRO D 122 43.25 11.16 35.13
N SER D 123 43.68 10.00 34.67
CA SER D 123 43.55 8.76 35.42
C SER D 123 44.60 8.69 36.53
N ASP D 124 44.22 8.07 37.64
CA ASP D 124 45.17 7.85 38.73
C ASP D 124 46.24 6.84 38.33
N GLU D 125 45.89 5.85 37.51
CA GLU D 125 46.89 4.91 37.00
C GLU D 125 47.76 5.54 35.93
N GLN D 126 47.21 6.47 35.16
CA GLN D 126 48.00 7.13 34.14
C GLN D 126 48.94 8.16 34.75
N LEU D 127 48.56 8.75 35.89
CA LEU D 127 49.40 9.76 36.53
C LEU D 127 50.80 9.26 36.82
N LYS D 128 51.00 7.94 36.79
CA LYS D 128 52.30 7.38 37.10
C LYS D 128 53.33 7.64 36.00
N SER D 129 53.01 7.33 34.75
CA SER D 129 53.97 7.46 33.67
C SER D 129 53.53 8.59 32.74
N GLY D 130 54.08 9.78 32.97
CA GLY D 130 53.85 10.95 32.12
C GLY D 130 52.39 11.14 31.75
N THR D 131 51.50 11.14 32.73
CA THR D 131 50.07 11.06 32.39
C THR D 131 49.51 12.18 31.57
N ALA D 132 49.05 13.21 32.27
CA ALA D 132 48.52 14.44 31.70
C ALA D 132 47.65 14.18 30.45
N SER D 133 46.56 13.45 30.66
CA SER D 133 45.63 13.19 29.58
C SER D 133 44.29 13.67 30.10
N VAL D 134 43.81 14.77 29.51
CA VAL D 134 42.47 15.27 29.79
C VAL D 134 41.70 15.14 28.49
N VAL D 135 40.59 14.43 28.55
CA VAL D 135 39.77 14.11 27.39
C VAL D 135 38.47 14.88 27.54
N CYS D 136 38.22 15.82 26.63
CA CYS D 136 36.96 16.53 26.63
C CYS D 136 35.99 15.84 25.69
N LEU D 137 34.74 15.74 26.14
CA LEU D 137 33.72 14.96 25.44
C LEU D 137 32.59 15.89 24.99
N LEU D 138 32.26 15.82 23.71
CA LEU D 138 31.09 16.46 23.12
C LEU D 138 30.16 15.37 22.62
N ASN D 139 28.94 15.33 23.13
CA ASN D 139 28.02 14.23 22.87
C ASN D 139 26.79 14.74 22.12
N ASN D 140 26.50 14.09 20.99
CA ASN D 140 25.18 14.14 20.34
C ASN D 140 24.78 15.57 19.95
N PHE D 141 25.45 16.05 18.91
CA PHE D 141 25.12 17.33 18.28
C PHE D 141 24.98 17.10 16.77
N TYR D 142 23.89 17.59 16.17
CA TYR D 142 23.72 17.39 14.73
C TYR D 142 24.72 18.17 13.88
N PRO D 143 24.80 19.50 13.96
CA PRO D 143 25.67 20.22 13.02
C PRO D 143 27.11 19.81 13.20
N ARG D 144 27.73 19.40 12.09
CA ARG D 144 29.04 18.76 12.18
C ARG D 144 30.14 19.77 12.47
N GLU D 145 30.00 21.00 12.01
CA GLU D 145 31.03 22.01 12.24
C GLU D 145 30.87 22.58 13.64
N ALA D 146 31.87 22.33 14.48
CA ALA D 146 31.96 22.90 15.82
C ALA D 146 33.41 22.78 16.24
N LYS D 147 33.81 23.57 17.24
CA LYS D 147 35.18 23.49 17.67
C LYS D 147 35.30 23.88 19.15
N VAL D 148 36.27 23.25 19.83
CA VAL D 148 36.54 23.49 21.23
C VAL D 148 37.99 23.91 21.38
N GLN D 149 38.30 24.54 22.51
CA GLN D 149 39.66 24.94 22.82
C GLN D 149 39.91 24.71 24.31
N TRP D 150 41.17 24.52 24.67
CA TRP D 150 41.53 24.20 26.04
C TRP D 150 42.18 25.40 26.72
N LYS D 151 41.89 25.54 28.02
CA LYS D 151 42.51 26.57 28.84
C LYS D 151 42.96 25.92 30.14
N VAL D 152 44.29 25.89 30.37
CA VAL D 152 44.81 25.35 31.62
C VAL D 152 44.49 26.30 32.77
N ASP D 153 44.88 27.56 32.62
CA ASP D 153 44.48 28.60 33.56
C ASP D 153 43.91 29.78 32.79
N ASN D 154 44.74 30.43 31.97
CA ASN D 154 44.24 31.48 31.10
C ASN D 154 43.88 30.93 29.73
N ALA D 155 44.89 30.67 28.90
CA ALA D 155 44.68 30.02 27.61
C ALA D 155 45.80 29.02 27.34
N LEU D 156 45.45 27.74 27.22
CA LEU D 156 46.37 26.72 26.73
C LEU D 156 46.13 26.39 25.26
N GLN D 157 45.22 27.10 24.60
CA GLN D 157 44.71 26.69 23.30
C GLN D 157 45.83 26.44 22.29
N SER D 158 45.64 25.39 21.49
CA SER D 158 46.54 24.94 20.43
C SER D 158 47.88 24.46 20.95
N GLY D 159 47.99 24.15 22.24
CA GLY D 159 48.99 23.19 22.66
C GLY D 159 48.53 21.76 22.46
N ASN D 160 49.26 21.00 21.63
CA ASN D 160 49.27 19.53 21.62
C ASN D 160 47.89 18.93 21.91
N SER D 161 46.94 19.19 21.03
CA SER D 161 45.59 18.70 21.21
C SER D 161 45.07 18.09 19.92
N GLN D 162 44.38 16.95 20.04
CA GLN D 162 43.88 16.24 18.87
C GLN D 162 42.43 15.84 19.06
N GLU D 163 41.60 16.12 18.04
CA GLU D 163 40.18 15.85 18.07
C GLU D 163 39.83 14.66 17.19
N SER D 164 38.80 13.92 17.59
CA SER D 164 38.30 12.79 16.81
C SER D 164 36.79 12.84 16.78
N VAL D 165 36.21 12.65 15.59
CA VAL D 165 34.77 12.73 15.38
C VAL D 165 34.26 11.39 14.88
N THR D 166 33.09 10.97 15.36
CA THR D 166 32.48 9.73 14.92
C THR D 166 31.76 9.92 13.60
N GLU D 167 31.10 8.86 13.15
CA GLU D 167 30.22 8.94 11.99
C GLU D 167 28.85 9.43 12.43
N GLN D 168 27.94 9.58 11.47
CA GLN D 168 26.58 9.98 11.79
C GLN D 168 25.80 8.79 12.32
N ASP D 169 25.05 9.02 13.39
CA ASP D 169 24.30 7.94 14.01
C ASP D 169 23.11 7.53 13.13
N SER D 170 22.77 6.25 13.21
CA SER D 170 21.68 5.71 12.41
C SER D 170 20.31 5.86 13.07
N LYS D 171 20.26 6.32 14.31
CA LYS D 171 19.00 6.48 15.04
C LYS D 171 18.59 7.94 15.15
N ASP D 172 19.36 8.76 15.86
CA ASP D 172 19.07 10.18 15.98
C ASP D 172 19.82 11.04 14.97
N SER D 173 20.61 10.44 14.08
CA SER D 173 21.31 11.17 13.02
C SER D 173 22.18 12.29 13.59
N THR D 174 23.04 11.94 14.54
CA THR D 174 23.85 12.92 15.25
C THR D 174 25.32 12.57 15.14
N TYR D 175 26.17 13.53 15.48
CA TYR D 175 27.61 13.36 15.51
C TYR D 175 28.11 13.51 16.94
N SER D 176 29.24 12.86 17.22
CA SER D 176 29.90 12.95 18.51
C SER D 176 31.38 13.22 18.31
N LEU D 177 31.98 13.91 19.29
CA LEU D 177 33.37 14.30 19.21
C LEU D 177 34.03 14.06 20.56
N SER D 178 35.26 13.55 20.52
CA SER D 178 36.07 13.43 21.72
C SER D 178 37.47 13.91 21.38
N SER D 179 38.02 14.78 22.20
CA SER D 179 39.35 15.33 21.90
C SER D 179 40.26 15.17 23.10
N THR D 180 41.47 14.71 22.86
CA THR D 180 42.45 14.46 23.91
C THR D 180 43.50 15.56 23.90
N LEU D 181 43.79 16.07 25.10
CA LEU D 181 44.93 16.95 25.36
C LEU D 181 45.92 16.14 26.19
N THR D 182 47.10 15.91 25.62
CA THR D 182 48.16 15.11 26.24
C THR D 182 49.37 16.00 26.47
N LEU D 183 49.73 16.21 27.75
CA LEU D 183 50.90 17.00 28.08
C LEU D 183 51.77 16.23 29.07
N SER D 184 52.77 16.87 29.67
CA SER D 184 53.67 16.20 30.59
C SER D 184 53.11 16.17 32.00
N LYS D 185 53.84 15.53 32.92
CA LYS D 185 53.40 15.50 34.31
C LYS D 185 53.38 16.89 34.95
N ALA D 186 54.11 17.85 34.38
CA ALA D 186 54.17 19.19 34.94
C ALA D 186 52.83 19.90 34.83
N ASP D 187 52.49 20.65 35.89
CA ASP D 187 51.23 21.39 35.92
C ASP D 187 51.48 22.89 35.98
N TYR D 194 42.07 24.05 33.94
CA TYR D 194 41.73 22.84 33.18
C TYR D 194 40.28 22.92 32.70
N ALA D 195 40.08 23.50 31.52
CA ALA D 195 38.73 23.76 31.04
C ALA D 195 38.69 23.62 29.52
N CYS D 196 37.49 23.31 29.02
CA CYS D 196 37.20 23.31 27.59
C CYS D 196 36.23 24.43 27.25
N GLU D 197 36.31 24.91 26.02
CA GLU D 197 35.41 25.91 25.48
C GLU D 197 34.80 25.36 24.21
N VAL D 198 33.48 25.16 24.22
CA VAL D 198 32.76 24.47 23.15
C VAL D 198 31.94 25.50 22.41
N THR D 199 32.32 25.77 21.16
CA THR D 199 31.58 26.66 20.27
C THR D 199 30.91 25.83 19.19
N HIS D 200 29.59 26.02 19.06
CA HIS D 200 28.78 25.24 18.14
C HIS D 200 27.64 26.11 17.63
N GLN D 201 27.10 25.72 16.46
CA GLN D 201 26.04 26.51 15.83
C GLN D 201 24.82 26.63 16.74
N GLY D 202 24.38 25.52 17.32
CA GLY D 202 23.19 25.50 18.15
C GLY D 202 23.37 25.92 19.58
N LEU D 203 24.56 26.39 19.96
CA LEU D 203 24.85 26.77 21.34
C LEU D 203 24.68 28.27 21.52
N SER D 204 23.71 28.66 22.34
CA SER D 204 23.55 30.05 22.74
C SER D 204 24.80 30.55 23.44
N SER D 205 25.09 30.01 24.62
CA SER D 205 26.26 30.38 25.40
C SER D 205 27.27 29.25 25.38
N PRO D 206 28.50 29.49 24.91
CA PRO D 206 29.49 28.42 24.78
C PRO D 206 30.10 28.02 26.12
N VAL D 207 30.78 26.87 26.08
CA VAL D 207 31.73 26.42 27.10
C VAL D 207 31.09 26.14 28.46
N THR D 208 31.72 26.67 29.52
CA THR D 208 31.32 26.49 30.92
C THR D 208 31.40 25.03 31.37
N LYS D 209 32.54 24.39 31.13
CA LYS D 209 32.85 23.10 31.75
C LYS D 209 34.32 23.05 32.13
N SER D 210 34.60 22.70 33.38
CA SER D 210 35.97 22.64 33.88
C SER D 210 36.03 21.73 35.11
N PHE D 211 37.25 21.33 35.46
CA PHE D 211 37.50 20.61 36.70
C PHE D 211 38.76 21.18 37.35
N ASN D 212 38.85 21.00 38.66
CA ASN D 212 40.00 21.43 39.46
C ASN D 212 40.79 20.22 39.89
N ARG D 213 42.12 20.30 39.73
CA ARG D 213 42.98 19.19 40.13
C ARG D 213 42.96 19.01 41.64
N GLY D 214 43.07 17.75 42.07
CA GLY D 214 42.95 17.43 43.47
C GLY D 214 41.53 17.43 44.01
N GLU D 215 40.54 17.58 43.14
CA GLU D 215 39.14 17.60 43.55
C GLU D 215 38.26 16.91 42.51
N ILE E 3 -6.05 -11.29 -26.39
CA ILE E 3 -6.83 -11.51 -27.60
C ILE E 3 -7.62 -10.24 -27.93
N ASP E 4 -8.05 -9.52 -26.88
CA ASP E 4 -8.73 -8.24 -27.01
C ASP E 4 -7.84 -7.15 -26.42
N PRO E 5 -7.49 -6.11 -27.18
CA PRO E 5 -6.60 -5.09 -26.60
C PRO E 5 -7.23 -4.28 -25.47
N TYR E 6 -8.52 -3.97 -25.56
CA TYR E 6 -9.14 -3.03 -24.62
C TYR E 6 -9.78 -3.70 -23.40
N LYS E 7 -9.88 -5.03 -23.38
CA LYS E 7 -10.60 -5.73 -22.31
C LYS E 7 -10.12 -5.32 -20.93
N GLU E 8 -8.81 -5.19 -20.75
CA GLU E 8 -8.25 -4.86 -19.44
C GLU E 8 -8.39 -3.37 -19.13
N PHE E 9 -8.40 -2.52 -20.15
CA PHE E 9 -8.59 -1.09 -19.94
C PHE E 9 -10.03 -0.74 -19.63
N GLY E 10 -10.95 -1.70 -19.69
CA GLY E 10 -12.34 -1.47 -19.34
C GLY E 10 -13.29 -1.36 -20.52
N ALA E 11 -12.79 -1.52 -21.75
CA ALA E 11 -13.62 -1.43 -22.94
C ALA E 11 -13.43 -2.70 -23.77
N THR E 12 -14.07 -2.72 -24.94
CA THR E 12 -13.91 -3.81 -25.88
C THR E 12 -13.88 -3.23 -27.29
N VAL E 13 -13.49 -4.06 -28.25
CA VAL E 13 -13.41 -3.62 -29.65
C VAL E 13 -14.77 -3.18 -30.17
N GLU E 14 -15.85 -3.80 -29.67
CA GLU E 14 -17.18 -3.42 -30.14
C GLU E 14 -17.58 -2.03 -29.66
N LEU E 15 -17.13 -1.63 -28.47
CA LEU E 15 -17.45 -0.29 -27.98
C LEU E 15 -16.85 0.79 -28.89
N LEU E 16 -15.62 0.58 -29.35
CA LEU E 16 -15.02 1.52 -30.30
C LEU E 16 -15.53 1.32 -31.71
N SER E 17 -16.14 0.16 -32.01
CA SER E 17 -16.80 -0.02 -33.30
C SER E 17 -18.11 0.76 -33.39
N PHE E 18 -18.71 1.12 -32.26
CA PHE E 18 -19.95 1.89 -32.27
C PHE E 18 -19.75 3.28 -32.87
N LEU E 19 -18.57 3.85 -32.70
CA LEU E 19 -18.33 5.21 -33.16
C LEU E 19 -18.22 5.26 -34.68
N PRO E 20 -18.67 6.35 -35.31
CA PRO E 20 -18.48 6.50 -36.75
C PRO E 20 -17.01 6.56 -37.11
N SER E 21 -16.65 5.88 -38.21
CA SER E 21 -15.25 5.76 -38.59
C SER E 21 -14.61 7.10 -38.94
N ASP E 22 -15.41 8.11 -39.31
CA ASP E 22 -14.88 9.41 -39.64
C ASP E 22 -14.65 10.29 -38.41
N PHE E 23 -15.15 9.90 -37.25
CA PHE E 23 -14.92 10.68 -36.04
C PHE E 23 -13.46 10.62 -35.61
N PHE E 24 -12.85 9.45 -35.67
CA PHE E 24 -11.45 9.31 -35.29
C PHE E 24 -10.57 10.12 -36.23
N PRO E 25 -9.54 10.78 -35.72
CA PRO E 25 -8.58 11.44 -36.61
C PRO E 25 -7.80 10.41 -37.42
N SER E 26 -6.94 10.87 -38.32
CA SER E 26 -6.14 9.96 -39.13
C SER E 26 -4.99 9.44 -38.28
N VAL E 27 -4.08 8.67 -38.88
CA VAL E 27 -2.89 8.26 -38.15
C VAL E 27 -1.87 9.39 -38.08
N ARG E 28 -1.91 10.31 -39.04
CA ARG E 28 -0.94 11.40 -39.03
C ARG E 28 -1.17 12.33 -37.85
N ASP E 29 -2.40 12.81 -37.67
CA ASP E 29 -2.67 13.74 -36.59
C ASP E 29 -2.69 13.05 -35.23
N LEU E 30 -3.25 11.84 -35.16
CA LEU E 30 -3.23 11.11 -33.90
C LEU E 30 -1.81 10.73 -33.50
N LEU E 31 -0.95 10.46 -34.48
CA LEU E 31 0.42 10.03 -34.23
C LEU E 31 1.38 11.23 -34.18
N ASP E 32 1.53 11.92 -35.30
CA ASP E 32 2.50 13.03 -35.37
C ASP E 32 2.11 14.16 -34.42
N THR E 33 0.87 14.65 -34.51
CA THR E 33 0.36 15.57 -33.51
C THR E 33 -0.06 14.74 -32.29
N ALA E 34 -0.72 15.37 -31.31
CA ALA E 34 -1.11 14.69 -30.08
C ALA E 34 0.13 14.09 -29.41
N ALA E 35 0.22 12.76 -29.38
CA ALA E 35 1.41 12.09 -28.86
C ALA E 35 2.67 12.63 -29.50
N ALA E 36 3.74 12.71 -28.70
CA ALA E 36 5.03 13.34 -28.95
C ALA E 36 4.96 14.86 -28.88
N LEU E 37 3.77 15.46 -28.90
CA LEU E 37 3.59 16.87 -28.53
C LEU E 37 3.24 16.94 -27.04
N TYR E 38 2.09 16.39 -26.66
CA TYR E 38 1.76 16.18 -25.26
C TYR E 38 2.55 15.00 -24.74
N ARG E 39 3.03 15.12 -23.50
CA ARG E 39 3.83 14.09 -22.84
C ARG E 39 5.04 13.73 -23.71
N ASP E 40 5.82 14.76 -24.04
CA ASP E 40 6.87 14.64 -25.04
C ASP E 40 7.86 13.53 -24.69
N ALA E 41 8.39 13.55 -23.46
CA ALA E 41 9.33 12.51 -23.06
C ALA E 41 8.57 11.50 -22.20
N LEU E 42 8.17 10.39 -22.81
CA LEU E 42 7.75 9.19 -22.12
C LEU E 42 8.82 8.11 -22.13
N GLU E 43 9.97 8.35 -22.76
CA GLU E 43 11.03 7.34 -22.84
C GLU E 43 11.72 7.11 -21.51
N SER E 44 11.36 7.87 -20.47
CA SER E 44 11.92 7.64 -19.15
C SER E 44 11.71 6.18 -18.76
N PRO E 45 12.74 5.51 -18.22
CA PRO E 45 12.57 4.11 -17.80
C PRO E 45 11.68 3.98 -16.58
N GLU E 46 10.38 4.23 -16.77
CA GLU E 46 9.42 4.31 -15.68
C GLU E 46 8.32 3.26 -15.80
N HIS E 47 7.57 3.26 -16.91
CA HIS E 47 6.35 2.47 -17.10
C HIS E 47 5.31 2.80 -16.03
N ALA E 48 4.73 3.98 -16.23
CA ALA E 48 3.56 4.46 -15.50
C ALA E 48 2.34 3.76 -16.06
N SER E 49 1.14 4.30 -15.80
CA SER E 49 -0.14 3.65 -16.08
C SER E 49 -0.14 3.00 -17.46
N PRO E 50 -0.64 1.77 -17.55
CA PRO E 50 -0.37 0.93 -18.74
C PRO E 50 -0.78 1.54 -20.07
N HIS E 51 -1.58 2.61 -20.09
CA HIS E 51 -1.79 3.34 -21.34
C HIS E 51 -0.46 3.71 -21.99
N HIS E 52 0.56 4.00 -21.19
CA HIS E 52 1.88 4.30 -21.72
C HIS E 52 2.50 3.08 -22.39
N THR E 53 2.56 1.95 -21.67
CA THR E 53 3.20 0.76 -22.22
C THR E 53 2.43 0.17 -23.39
N ALA E 54 1.13 0.44 -23.50
CA ALA E 54 0.39 0.06 -24.69
C ALA E 54 0.63 1.05 -25.83
N LEU E 55 0.78 2.33 -25.49
CA LEU E 55 1.07 3.33 -26.50
C LEU E 55 2.43 3.10 -27.15
N ARG E 56 3.40 2.61 -26.37
CA ARG E 56 4.71 2.27 -26.89
C ARG E 56 4.63 1.22 -27.99
N GLN E 57 4.18 0.01 -27.63
CA GLN E 57 4.02 -1.05 -28.63
C GLN E 57 3.05 -0.67 -29.73
N ALA E 58 2.18 0.33 -29.49
CA ALA E 58 1.30 0.82 -30.55
C ALA E 58 2.07 1.63 -31.57
N ILE E 59 2.91 2.56 -31.11
CA ILE E 59 3.72 3.36 -32.02
C ILE E 59 4.73 2.48 -32.75
N LEU E 60 5.50 1.68 -32.00
CA LEU E 60 6.44 0.76 -32.63
C LEU E 60 5.75 -0.18 -33.58
N CYS E 61 4.52 -0.59 -33.24
CA CYS E 61 3.76 -1.47 -34.13
C CYS E 61 3.40 -0.77 -35.43
N TRP E 62 2.93 0.48 -35.35
CA TRP E 62 2.58 1.21 -36.56
C TRP E 62 3.82 1.52 -37.40
N GLY E 63 4.97 1.71 -36.76
CA GLY E 63 6.21 1.88 -37.52
C GLY E 63 6.62 0.61 -38.23
N ASP E 64 6.53 -0.54 -37.54
CA ASP E 64 6.81 -1.82 -38.19
C ASP E 64 5.79 -2.16 -39.26
N LEU E 65 4.60 -1.55 -39.20
CA LEU E 65 3.63 -1.67 -40.29
C LEU E 65 4.05 -0.82 -41.49
N MET E 66 4.14 0.50 -41.29
CA MET E 66 4.51 1.41 -42.36
C MET E 66 5.82 1.01 -43.04
N THR E 67 6.75 0.39 -42.31
CA THR E 67 7.96 -0.11 -42.94
C THR E 67 7.63 -1.18 -43.98
N LEU E 68 6.72 -2.10 -43.65
CA LEU E 68 6.34 -3.14 -44.60
C LEU E 68 5.48 -2.59 -45.73
N ALA E 69 4.68 -1.56 -45.45
CA ALA E 69 3.87 -0.95 -46.50
C ALA E 69 4.74 -0.23 -47.52
N THR E 70 5.66 0.61 -47.05
CA THR E 70 6.58 1.31 -47.95
C THR E 70 7.64 0.38 -48.53
N TRP E 71 7.73 -0.86 -48.06
CA TRP E 71 8.68 -1.82 -48.62
C TRP E 71 8.27 -2.28 -50.02
N VAL E 72 7.00 -2.12 -50.38
CA VAL E 72 6.53 -2.57 -51.69
C VAL E 72 7.28 -1.83 -52.80
N GLY E 73 7.29 -0.50 -52.73
CA GLY E 73 7.99 0.29 -53.74
C GLY E 73 9.49 0.30 -53.58
N SER E 87 -1.79 -2.18 -59.22
CA SER E 87 -0.44 -1.88 -58.75
C SER E 87 -0.39 -0.55 -58.01
N TYR E 88 -1.50 -0.22 -57.34
CA TYR E 88 -1.61 1.06 -56.64
C TYR E 88 -2.69 0.93 -55.56
N VAL E 89 -2.72 1.92 -54.67
CA VAL E 89 -3.83 2.11 -53.74
C VAL E 89 -4.01 0.93 -52.79
N ASN E 90 -3.13 0.81 -51.80
CA ASN E 90 -3.27 -0.23 -50.78
C ASN E 90 -4.49 0.07 -49.90
N THR E 91 -4.71 -0.80 -48.92
CA THR E 91 -5.95 -0.82 -48.15
C THR E 91 -5.77 -0.19 -46.78
N ASN E 92 -6.79 0.53 -46.33
CA ASN E 92 -6.86 1.08 -44.98
C ASN E 92 -7.68 0.19 -44.04
N VAL E 93 -8.19 -0.94 -44.52
CA VAL E 93 -8.93 -1.83 -43.62
C VAL E 93 -8.03 -2.37 -42.52
N GLY E 94 -6.72 -2.44 -42.77
CA GLY E 94 -5.79 -2.93 -41.78
C GLY E 94 -5.49 -1.83 -40.76
N LEU E 95 -6.19 -0.71 -40.85
CA LEU E 95 -5.90 0.39 -39.95
C LEU E 95 -7.06 0.47 -38.94
N LYS E 96 -6.86 -0.13 -37.77
CA LYS E 96 -7.62 0.14 -36.55
C LYS E 96 -6.84 0.98 -35.55
N PHE E 97 -5.57 1.27 -35.84
CA PHE E 97 -4.69 1.90 -34.88
C PHE E 97 -5.11 3.32 -34.54
N ARG E 98 -6.04 3.90 -35.28
CA ARG E 98 -6.65 5.16 -34.85
C ARG E 98 -7.51 4.96 -33.61
N GLN E 99 -8.17 3.80 -33.51
CA GLN E 99 -8.91 3.48 -32.30
C GLN E 99 -7.96 3.28 -31.12
N LEU E 100 -6.86 2.55 -31.33
CA LEU E 100 -5.83 2.39 -30.32
C LEU E 100 -5.32 3.74 -29.84
N LEU E 101 -4.71 4.51 -30.76
CA LEU E 101 -4.06 5.76 -30.38
C LEU E 101 -5.05 6.75 -29.80
N TRP E 102 -6.24 6.89 -30.40
CA TRP E 102 -7.21 7.82 -29.85
C TRP E 102 -7.66 7.39 -28.46
N PHE E 103 -7.91 6.09 -28.27
CA PHE E 103 -8.29 5.58 -26.96
C PHE E 103 -7.23 5.89 -25.91
N HIS E 104 -6.01 5.38 -26.09
CA HIS E 104 -4.98 5.52 -25.06
C HIS E 104 -4.59 6.97 -24.86
N ILE E 105 -4.47 7.74 -25.94
CA ILE E 105 -4.08 9.14 -25.82
C ILE E 105 -5.16 9.95 -25.11
N SER E 106 -6.42 9.75 -25.50
CA SER E 106 -7.51 10.44 -24.82
C SER E 106 -7.58 10.03 -23.35
N ALA E 107 -7.27 8.77 -23.06
CA ALA E 107 -7.24 8.29 -21.68
C ALA E 107 -6.06 8.87 -20.91
N LEU E 108 -5.01 9.30 -21.60
CA LEU E 108 -3.90 9.96 -20.91
C LEU E 108 -4.21 11.44 -20.65
N THR E 109 -4.81 12.11 -21.63
CA THR E 109 -5.07 13.54 -21.50
C THR E 109 -6.28 13.82 -20.60
N PHE E 110 -7.40 13.15 -20.87
CA PHE E 110 -8.63 13.38 -20.10
C PHE E 110 -8.82 12.39 -18.95
N GLY E 111 -7.95 11.39 -18.83
CA GLY E 111 -8.18 10.31 -17.89
C GLY E 111 -8.91 9.15 -18.54
N ARG E 112 -8.57 7.94 -18.09
CA ARG E 112 -9.21 6.75 -18.65
C ARG E 112 -10.69 6.73 -18.34
N GLU E 113 -11.06 7.15 -17.13
CA GLU E 113 -12.43 7.05 -16.69
C GLU E 113 -13.35 7.92 -17.53
N THR E 114 -12.86 9.09 -17.95
CA THR E 114 -13.70 10.01 -18.72
C THR E 114 -13.97 9.48 -20.11
N VAL E 115 -12.92 9.11 -20.85
CA VAL E 115 -13.10 8.62 -22.21
C VAL E 115 -13.85 7.29 -22.22
N LEU E 116 -13.63 6.45 -21.21
CA LEU E 116 -14.35 5.19 -21.11
C LEU E 116 -15.83 5.43 -20.89
N GLU E 117 -16.16 6.33 -19.96
CA GLU E 117 -17.56 6.68 -19.75
C GLU E 117 -18.16 7.30 -21.01
N TYR E 118 -17.35 7.98 -21.82
CA TYR E 118 -17.83 8.46 -23.11
C TYR E 118 -18.12 7.30 -24.06
N LEU E 119 -17.29 6.25 -24.02
CA LEU E 119 -17.53 5.09 -24.87
C LEU E 119 -18.83 4.39 -24.48
N VAL E 120 -19.08 4.25 -23.18
CA VAL E 120 -20.30 3.59 -22.73
C VAL E 120 -21.52 4.45 -23.04
N SER E 121 -21.48 5.73 -22.65
CA SER E 121 -22.62 6.61 -22.85
C SER E 121 -22.96 6.76 -24.33
N PHE E 122 -21.94 6.83 -25.19
CA PHE E 122 -22.21 6.82 -26.62
C PHE E 122 -22.72 5.46 -27.09
N GLY E 123 -22.27 4.38 -26.44
CA GLY E 123 -22.81 3.07 -26.74
C GLY E 123 -24.30 2.94 -26.48
N VAL E 124 -24.86 3.83 -25.64
CA VAL E 124 -26.30 3.88 -25.42
C VAL E 124 -26.97 4.94 -26.28
N TRP E 125 -26.20 5.73 -27.05
CA TRP E 125 -26.80 6.67 -28.00
C TRP E 125 -27.32 5.89 -29.19
N ILE E 126 -26.42 5.31 -29.98
CA ILE E 126 -26.78 4.18 -30.84
C ILE E 126 -27.15 3.00 -29.94
N ARG E 127 -27.88 2.04 -30.52
CA ARG E 127 -28.49 0.86 -29.89
C ARG E 127 -29.92 1.17 -29.42
N THR E 128 -30.36 2.42 -29.53
CA THR E 128 -31.76 2.75 -29.32
C THR E 128 -32.37 3.25 -30.62
N PRO E 129 -33.65 2.99 -30.85
CA PRO E 129 -34.30 3.51 -32.07
C PRO E 129 -34.21 5.01 -32.13
N PRO E 130 -33.81 5.57 -33.28
CA PRO E 130 -33.56 7.02 -33.35
C PRO E 130 -34.77 7.88 -33.03
N ALA E 131 -35.98 7.36 -33.14
CA ALA E 131 -37.16 8.14 -32.80
C ALA E 131 -37.28 8.37 -31.30
N TYR E 132 -36.68 7.52 -30.48
CA TYR E 132 -36.74 7.63 -29.03
C TYR E 132 -35.54 8.34 -28.42
N ARG E 133 -34.60 8.82 -29.25
CA ARG E 133 -33.34 9.31 -28.73
C ARG E 133 -33.53 10.64 -27.99
N PRO E 134 -32.72 10.89 -26.96
CA PRO E 134 -32.81 12.16 -26.23
C PRO E 134 -32.29 13.32 -27.06
N PRO E 135 -32.63 14.56 -26.69
CA PRO E 135 -32.20 15.71 -27.50
C PRO E 135 -30.70 15.96 -27.49
N ASN E 136 -29.95 15.40 -26.55
CA ASN E 136 -28.53 15.69 -26.40
C ASN E 136 -27.71 14.44 -26.65
N ALA E 137 -26.62 14.58 -27.48
CA ALA E 137 -25.63 13.57 -27.84
C ALA E 137 -24.46 13.59 -26.85
N PRO E 138 -23.80 12.45 -26.64
CA PRO E 138 -22.69 12.40 -25.69
C PRO E 138 -21.50 13.21 -26.17
N ILE E 139 -20.68 13.63 -25.21
CA ILE E 139 -19.49 14.42 -25.49
C ILE E 139 -18.24 13.67 -25.04
N ILE F 3 10.17 5.02 -27.35
CA ILE F 3 11.13 4.92 -28.43
C ILE F 3 11.92 3.62 -28.29
N ASP F 4 12.13 3.19 -27.05
CA ASP F 4 12.78 1.92 -26.74
C ASP F 4 11.79 1.00 -26.04
N PRO F 5 11.49 -0.18 -26.57
CA PRO F 5 10.52 -1.05 -25.89
C PRO F 5 10.99 -1.58 -24.54
N TYR F 6 12.29 -1.83 -24.37
CA TYR F 6 12.80 -2.49 -23.18
C TYR F 6 13.30 -1.52 -22.10
N LYS F 7 13.25 -0.21 -22.36
CA LYS F 7 13.88 0.75 -21.46
C LYS F 7 13.29 0.69 -20.05
N GLU F 8 11.97 0.53 -19.94
CA GLU F 8 11.31 0.56 -18.64
C GLU F 8 11.48 -0.75 -17.88
N PHE F 9 11.58 -1.87 -18.60
CA PHE F 9 11.75 -3.17 -17.98
C PHE F 9 13.15 -3.38 -17.42
N GLY F 10 14.06 -2.44 -17.65
CA GLY F 10 15.40 -2.52 -17.14
C GLY F 10 16.46 -2.93 -18.13
N ALA F 11 16.12 -3.05 -19.41
CA ALA F 11 17.04 -3.49 -20.44
C ALA F 11 17.02 -2.52 -21.61
N THR F 12 17.77 -2.84 -22.65
CA THR F 12 17.80 -2.06 -23.88
C THR F 12 17.86 -3.02 -25.06
N VAL F 13 17.66 -2.45 -26.26
CA VAL F 13 17.73 -3.26 -27.48
C VAL F 13 19.12 -3.87 -27.65
N GLU F 14 20.16 -3.15 -27.22
CA GLU F 14 21.52 -3.69 -27.37
C GLU F 14 21.78 -4.86 -26.43
N LEU F 15 21.12 -4.89 -25.26
CA LEU F 15 21.29 -6.00 -24.35
C LEU F 15 20.79 -7.30 -24.96
N LEU F 16 19.71 -7.23 -25.74
CA LEU F 16 19.27 -8.38 -26.52
C LEU F 16 20.06 -8.57 -27.80
N SER F 17 20.73 -7.52 -28.28
CA SER F 17 21.52 -7.62 -29.49
C SER F 17 22.79 -8.45 -29.29
N PHE F 18 23.27 -8.59 -28.05
CA PHE F 18 24.48 -9.37 -27.80
C PHE F 18 24.29 -10.85 -28.10
N LEU F 19 23.06 -11.33 -28.12
CA LEU F 19 22.81 -12.74 -28.40
C LEU F 19 22.75 -12.97 -29.91
N PRO F 20 23.26 -14.11 -30.38
CA PRO F 20 23.13 -14.42 -31.81
C PRO F 20 21.67 -14.64 -32.18
N SER F 21 21.31 -14.20 -33.39
CA SER F 21 19.92 -14.26 -33.83
C SER F 21 19.41 -15.69 -33.94
N ASP F 22 20.30 -16.67 -34.04
CA ASP F 22 19.89 -18.07 -34.09
C ASP F 22 19.55 -18.64 -32.73
N PHE F 23 19.79 -17.90 -31.65
CA PHE F 23 19.53 -18.41 -30.31
C PHE F 23 18.04 -18.43 -30.00
N PHE F 24 17.31 -17.42 -30.45
CA PHE F 24 15.88 -17.34 -30.14
C PHE F 24 15.11 -18.38 -30.95
N PRO F 25 14.08 -19.01 -30.37
CA PRO F 25 13.23 -19.90 -31.16
C PRO F 25 12.41 -19.12 -32.17
N SER F 26 11.64 -19.80 -33.01
CA SER F 26 10.92 -19.11 -34.08
C SER F 26 9.73 -18.35 -33.51
N VAL F 27 9.04 -17.62 -34.38
CA VAL F 27 7.83 -16.92 -33.94
C VAL F 27 6.68 -17.90 -33.77
N ARG F 28 6.63 -18.95 -34.60
CA ARG F 28 5.62 -19.99 -34.40
C ARG F 28 5.92 -20.81 -33.16
N ASP F 29 7.19 -20.93 -32.78
CA ASP F 29 7.54 -21.60 -31.53
C ASP F 29 7.40 -20.67 -30.32
N LEU F 30 7.41 -19.36 -30.52
CA LEU F 30 7.06 -18.43 -29.45
C LEU F 30 5.55 -18.37 -29.25
N LEU F 31 4.81 -18.23 -30.35
CA LEU F 31 3.37 -18.45 -30.37
C LEU F 31 3.07 -19.93 -30.19
N ASP F 32 1.79 -20.26 -29.92
CA ASP F 32 1.35 -21.61 -29.56
C ASP F 32 2.22 -22.09 -28.41
N THR F 33 3.16 -23.01 -28.65
CA THR F 33 4.07 -23.43 -27.58
C THR F 33 4.61 -22.21 -26.84
N ALA F 34 4.49 -22.25 -25.51
CA ALA F 34 4.89 -21.19 -24.59
C ALA F 34 4.00 -19.95 -24.65
N ALA F 35 3.04 -19.91 -25.58
CA ALA F 35 2.19 -18.73 -25.72
C ALA F 35 0.80 -18.94 -25.13
N ALA F 36 -0.04 -19.72 -25.82
CA ALA F 36 -1.38 -20.00 -25.31
C ALA F 36 -1.38 -21.10 -24.27
N LEU F 37 -0.36 -21.96 -24.26
CA LEU F 37 -0.21 -22.99 -23.25
C LEU F 37 -0.14 -22.36 -21.86
N TYR F 38 0.95 -21.64 -21.58
CA TYR F 38 1.09 -20.90 -20.35
C TYR F 38 0.39 -19.55 -20.45
N ARG F 39 -0.15 -19.09 -19.32
CA ARG F 39 -0.87 -17.81 -19.25
C ARG F 39 -2.06 -17.80 -20.22
N ASP F 40 -2.89 -18.84 -20.12
CA ASP F 40 -4.12 -18.92 -20.89
C ASP F 40 -5.08 -17.77 -20.57
N ALA F 41 -4.89 -17.11 -19.43
CA ALA F 41 -5.80 -16.11 -18.91
C ALA F 41 -5.56 -14.73 -19.49
N LEU F 42 -4.68 -14.61 -20.49
CA LEU F 42 -4.34 -13.31 -21.05
C LEU F 42 -5.56 -12.51 -21.50
N GLU F 43 -6.70 -13.16 -21.72
CA GLU F 43 -7.94 -12.45 -22.04
C GLU F 43 -8.69 -11.96 -20.81
N SER F 44 -8.17 -12.19 -19.61
CA SER F 44 -8.85 -11.71 -18.41
C SER F 44 -8.84 -10.19 -18.39
N PRO F 45 -9.96 -9.56 -18.02
CA PRO F 45 -9.96 -8.10 -17.86
C PRO F 45 -9.15 -7.67 -16.65
N GLU F 46 -7.85 -7.99 -16.67
CA GLU F 46 -6.98 -7.87 -15.50
C GLU F 46 -5.85 -6.88 -15.72
N HIS F 47 -5.02 -7.10 -16.74
CA HIS F 47 -3.73 -6.41 -16.93
C HIS F 47 -2.87 -6.52 -15.68
N ALA F 48 -2.34 -7.74 -15.53
CA ALA F 48 -1.37 -8.08 -14.51
C ALA F 48 -0.03 -7.45 -14.88
N SER F 49 1.06 -7.91 -14.28
CA SER F 49 2.34 -7.23 -14.40
C SER F 49 2.63 -6.88 -15.86
N PRO F 50 3.25 -5.73 -16.12
CA PRO F 50 3.20 -5.14 -17.48
C PRO F 50 3.72 -6.04 -18.59
N HIS F 51 4.45 -7.11 -18.27
CA HIS F 51 4.83 -8.08 -19.29
C HIS F 51 3.61 -8.65 -19.99
N HIS F 52 2.49 -8.80 -19.28
CA HIS F 52 1.26 -9.27 -19.90
C HIS F 52 0.71 -8.26 -20.89
N THR F 53 0.49 -7.03 -20.45
CA THR F 53 -0.14 -6.03 -21.30
C THR F 53 0.76 -5.60 -22.46
N ALA F 54 2.08 -5.76 -22.34
CA ALA F 54 2.95 -5.53 -23.47
C ALA F 54 2.96 -6.74 -24.41
N LEU F 55 2.98 -7.95 -23.83
CA LEU F 55 2.93 -9.17 -24.63
C LEU F 55 1.68 -9.20 -25.51
N ARG F 56 0.56 -8.72 -24.98
CA ARG F 56 -0.68 -8.65 -25.76
C ARG F 56 -0.48 -7.84 -27.03
N GLN F 57 -0.14 -6.55 -26.89
CA GLN F 57 0.10 -5.72 -28.06
C GLN F 57 1.18 -6.30 -28.96
N ALA F 58 2.12 -7.08 -28.40
CA ALA F 58 3.14 -7.71 -29.24
C ALA F 58 2.53 -8.76 -30.17
N ILE F 59 1.75 -9.69 -29.60
CA ILE F 59 1.13 -10.72 -30.42
C ILE F 59 0.12 -10.11 -31.40
N LEU F 60 -0.70 -9.18 -30.92
CA LEU F 60 -1.61 -8.46 -31.80
C LEU F 60 -0.87 -7.80 -32.95
N CYS F 61 0.33 -7.27 -32.67
CA CYS F 61 1.11 -6.64 -33.73
C CYS F 61 1.61 -7.67 -34.73
N TRP F 62 2.07 -8.82 -34.25
CA TRP F 62 2.50 -9.89 -35.17
C TRP F 62 1.35 -10.31 -36.08
N GLY F 63 0.15 -10.44 -35.53
CA GLY F 63 -1.00 -10.77 -36.35
C GLY F 63 -1.34 -9.69 -37.36
N ASP F 64 -1.29 -8.42 -36.92
CA ASP F 64 -1.58 -7.32 -37.83
C ASP F 64 -0.50 -7.15 -38.90
N LEU F 65 0.68 -7.71 -38.70
CA LEU F 65 1.65 -7.84 -39.78
C LEU F 65 1.26 -8.96 -40.73
N MET F 66 1.15 -10.18 -40.20
CA MET F 66 0.87 -11.35 -41.02
C MET F 66 -0.36 -11.18 -41.89
N THR F 67 -1.38 -10.45 -41.40
CA THR F 67 -2.62 -10.33 -42.18
C THR F 67 -2.41 -9.52 -43.45
N LEU F 68 -1.60 -8.45 -43.39
CA LEU F 68 -1.28 -7.70 -44.60
C LEU F 68 -0.32 -8.47 -45.47
N ALA F 69 0.68 -9.12 -44.86
CA ALA F 69 1.63 -9.95 -45.60
C ALA F 69 0.90 -10.96 -46.48
N THR F 70 -0.03 -11.71 -45.89
CA THR F 70 -0.80 -12.68 -46.67
C THR F 70 -1.84 -11.99 -47.55
N TRP F 71 -2.29 -10.79 -47.18
CA TRP F 71 -3.24 -10.08 -48.04
C TRP F 71 -2.62 -9.70 -49.37
N VAL F 72 -1.31 -9.45 -49.40
CA VAL F 72 -0.64 -9.17 -50.66
C VAL F 72 -0.47 -10.46 -51.43
N GLY F 73 0.33 -11.38 -50.91
CA GLY F 73 0.58 -12.65 -51.57
C GLY F 73 -0.48 -13.70 -51.34
N ASN F 90 8.26 -13.90 -46.45
CA ASN F 90 8.85 -12.74 -47.10
C ASN F 90 9.99 -12.15 -46.27
N THR F 91 9.86 -10.89 -45.88
CA THR F 91 10.93 -10.21 -45.15
C THR F 91 10.89 -10.61 -43.68
N ASN F 92 11.94 -11.28 -43.22
CA ASN F 92 12.12 -11.61 -41.81
C ASN F 92 13.02 -10.63 -41.08
N VAL F 93 13.43 -9.53 -41.73
CA VAL F 93 14.13 -8.48 -41.01
C VAL F 93 13.20 -7.79 -40.02
N GLY F 94 11.89 -7.92 -40.19
CA GLY F 94 10.91 -7.40 -39.25
C GLY F 94 10.49 -8.44 -38.23
N LEU F 95 11.36 -9.43 -38.02
CA LEU F 95 11.13 -10.54 -37.11
C LEU F 95 11.61 -10.23 -35.69
N LYS F 96 11.99 -8.98 -35.42
CA LYS F 96 12.46 -8.58 -34.10
C LYS F 96 11.46 -8.94 -33.00
N PHE F 97 10.20 -9.21 -33.34
CA PHE F 97 9.25 -9.68 -32.34
C PHE F 97 9.71 -10.98 -31.70
N ARG F 98 10.44 -11.82 -32.44
CA ARG F 98 11.03 -13.01 -31.85
C ARG F 98 11.86 -12.67 -30.63
N GLN F 99 12.50 -11.51 -30.62
CA GLN F 99 13.14 -11.02 -29.41
C GLN F 99 12.10 -10.67 -28.35
N LEU F 100 11.17 -9.78 -28.69
CA LEU F 100 10.19 -9.28 -27.73
C LEU F 100 9.46 -10.44 -27.04
N LEU F 101 8.85 -11.31 -27.84
CA LEU F 101 8.11 -12.43 -27.29
C LEU F 101 8.98 -13.32 -26.42
N TRP F 102 10.27 -13.43 -26.74
CA TRP F 102 11.15 -14.21 -25.86
C TRP F 102 11.37 -13.49 -24.54
N PHE F 103 11.54 -12.18 -24.58
CA PHE F 103 11.81 -11.40 -23.37
C PHE F 103 10.67 -11.55 -22.37
N HIS F 104 9.50 -10.97 -22.70
CA HIS F 104 8.40 -10.90 -21.75
C HIS F 104 8.02 -12.28 -21.22
N ILE F 105 7.86 -13.26 -22.12
CA ILE F 105 7.55 -14.62 -21.69
C ILE F 105 8.60 -15.12 -20.71
N SER F 106 9.88 -14.96 -21.05
CA SER F 106 10.94 -15.40 -20.13
C SER F 106 10.93 -14.57 -18.85
N ALA F 107 10.47 -13.32 -18.93
CA ALA F 107 10.33 -12.53 -17.71
C ALA F 107 9.15 -13.00 -16.88
N LEU F 108 8.13 -13.58 -17.53
CA LEU F 108 6.97 -14.07 -16.79
C LEU F 108 7.23 -15.44 -16.19
N THR F 109 7.82 -16.36 -16.95
CA THR F 109 8.00 -17.73 -16.47
C THR F 109 9.19 -17.85 -15.53
N PHE F 110 10.34 -17.30 -15.93
CA PHE F 110 11.56 -17.41 -15.13
C PHE F 110 11.77 -16.23 -14.18
N GLY F 111 10.93 -15.21 -14.25
CA GLY F 111 11.15 -14.00 -13.47
C GLY F 111 11.93 -12.96 -14.23
N ARG F 112 11.62 -11.69 -13.95
CA ARG F 112 12.24 -10.58 -14.67
C ARG F 112 13.67 -10.34 -14.24
N GLU F 113 13.92 -10.35 -12.92
CA GLU F 113 15.27 -10.11 -12.41
C GLU F 113 16.25 -11.17 -12.93
N THR F 114 15.79 -12.42 -13.03
CA THR F 114 16.68 -13.50 -13.43
C THR F 114 17.05 -13.39 -14.91
N VAL F 115 16.06 -13.19 -15.78
CA VAL F 115 16.34 -13.12 -17.21
C VAL F 115 17.10 -11.83 -17.54
N LEU F 116 16.81 -10.74 -16.84
CA LEU F 116 17.58 -9.52 -17.04
C LEU F 116 19.03 -9.71 -16.61
N GLU F 117 19.23 -10.36 -15.47
CA GLU F 117 20.59 -10.69 -15.04
C GLU F 117 21.28 -11.62 -16.03
N TYR F 118 20.51 -12.43 -16.76
CA TYR F 118 21.11 -13.28 -17.78
C TYR F 118 21.51 -12.48 -19.01
N LEU F 119 20.67 -11.53 -19.43
CA LEU F 119 21.04 -10.66 -20.54
C LEU F 119 22.28 -9.85 -20.22
N VAL F 120 22.35 -9.31 -19.01
CA VAL F 120 23.55 -8.60 -18.57
C VAL F 120 24.75 -9.54 -18.56
N SER F 121 24.56 -10.74 -18.02
CA SER F 121 25.66 -11.69 -17.86
C SER F 121 26.22 -12.12 -19.20
N PHE F 122 25.35 -12.40 -20.17
CA PHE F 122 25.83 -12.75 -21.51
C PHE F 122 26.38 -11.54 -22.23
N GLY F 123 25.91 -10.34 -21.89
CA GLY F 123 26.54 -9.12 -22.37
C GLY F 123 27.97 -8.96 -21.87
N VAL F 124 28.32 -9.62 -20.76
CA VAL F 124 29.71 -9.71 -20.31
C VAL F 124 30.36 -11.02 -20.73
N TRP F 125 29.66 -11.88 -21.46
CA TRP F 125 30.30 -13.05 -22.06
C TRP F 125 30.98 -12.64 -23.36
N ILE F 126 30.19 -12.31 -24.38
CA ILE F 126 30.68 -11.43 -25.44
C ILE F 126 30.99 -10.09 -24.79
N ARG F 127 31.87 -9.32 -25.44
CA ARG F 127 32.46 -8.03 -25.00
C ARG F 127 33.72 -8.28 -24.18
N THR F 128 34.10 -9.53 -23.92
CA THR F 128 35.42 -9.81 -23.41
C THR F 128 36.18 -10.65 -24.45
N PRO F 129 37.49 -10.46 -24.57
CA PRO F 129 38.27 -11.24 -25.52
C PRO F 129 38.14 -12.72 -25.23
N PRO F 130 37.86 -13.54 -26.25
CA PRO F 130 37.63 -14.97 -26.01
C PRO F 130 38.80 -15.69 -25.36
N ALA F 131 40.03 -15.19 -25.51
CA ALA F 131 41.17 -15.80 -24.82
C ALA F 131 41.10 -15.56 -23.32
N TYR F 132 40.45 -14.48 -22.89
CA TYR F 132 40.32 -14.13 -21.49
C TYR F 132 39.02 -14.61 -20.87
N ARG F 133 38.16 -15.28 -21.63
CA ARG F 133 36.85 -15.65 -21.13
C ARG F 133 36.94 -16.74 -20.06
N PRO F 134 36.05 -16.71 -19.09
CA PRO F 134 35.99 -17.79 -18.10
C PRO F 134 35.49 -19.08 -18.73
N PRO F 135 35.70 -20.23 -18.07
CA PRO F 135 35.35 -21.51 -18.71
C PRO F 135 33.86 -21.73 -18.91
N ASN F 136 32.98 -21.00 -18.23
CA ASN F 136 31.55 -21.27 -18.25
C ASN F 136 30.79 -20.06 -18.80
N ALA F 137 29.73 -20.35 -19.63
CA ALA F 137 28.76 -19.44 -20.23
C ALA F 137 27.55 -19.26 -19.31
N PRO F 138 26.89 -18.10 -19.37
CA PRO F 138 25.74 -17.88 -18.48
C PRO F 138 24.52 -18.69 -18.89
N ILE F 139 23.67 -18.98 -17.91
CA ILE F 139 22.41 -19.66 -18.15
C ILE F 139 21.26 -18.85 -17.57
#